data_9F00
#
_entry.id   9F00
#
_cell.length_a   111.326
_cell.length_b   111.326
_cell.length_c   205.749
_cell.angle_alpha   90.00
_cell.angle_beta   90.00
_cell.angle_gamma   120.00
#
_symmetry.space_group_name_H-M   'P 65 2 2'
#
loop_
_entity.id
_entity.type
_entity.pdbx_description
1 polymer 'synthetic D-SH2 domain'
2 polymer 'monobody DAM27'
3 water water
#
loop_
_entity_poly.entity_id
_entity_poly.type
_entity_poly.pdbx_seq_one_letter_code
_entity_poly.pdbx_strand_id
1 'polypeptide(D)'
;(DLE)(DGL)(DLY)(DHI)(DSN)(DTR)(DTY)(DHI)G(DPR)(DVA)(DSN)(DAR)(DSG)(DAL)(DAL)
(DGL)(DTY)(DLE)(DLE)(DSN)(DSN)G(DIL)(DSG)G(DSN)(DPN)(DLE)(DVA)(DAR)(DGL)(DSN)
(DGL)(DSN)(DSN)(DPR)G(DGN)(DAR)(DSN)(DIL)(DSN)(DLE)(DAR)(DTY)(DGL)G(DAR)(DVA)
(DTY)(DHI)(DTY)(DAR)(DIL)(DSG)(DTH)(DCY)(DSN)(DAS)G(DLY)(DLE)(DTY)(DVA)(DSN)
(DSN)(DGL)(DSN)(DAR)(DPN)(DSG)(DTH)(DLE)(DAL)(DGL)(DLE)(DVA)(DHI)(DHI)(DHI)(DSN)
(DTH)(DVA)(DAL)(DAS)G(DLE)(DIL)(DTH)(DTH)(DLE)(DHI)(DTY)(DPR)(DAL)(DPR)(DLY)
(DAR)
;
A,B
2 'polypeptide(L)'
;GSMAASSVPTKLEVVAATPTSLLISWDAPAVTVDHYVITYGETGGGGGSQEFEVPGSKSTATISGLKPGVDYTITVYAYE
FYSGEYSHFSPISINYRT
;
D,C
#
# COMPACT_ATOMS: atom_id res chain seq x y z
N DLE A 1 -0.74 7.56 26.62
CA DLE A 1 -2.08 7.74 26.04
CB DLE A 1 -2.41 6.61 25.07
CG DLE A 1 -2.82 5.25 25.63
CD1 DLE A 1 -1.59 4.46 26.06
CD2 DLE A 1 -3.82 5.36 26.78
C DLE A 1 -2.01 9.04 25.26
O DLE A 1 -0.93 9.63 25.15
N DGL A 2 -3.18 9.46 24.74
CA DGL A 2 -3.35 10.55 23.76
C DGL A 2 -4.64 11.33 23.93
O DGL A 2 -5.30 11.68 22.94
CB DGL A 2 -2.23 11.58 23.74
CG DGL A 2 -2.24 12.43 22.49
CD DGL A 2 -1.02 13.32 22.41
OE1 DGL A 2 -0.92 14.09 21.41
OE2 DGL A 2 -0.18 13.25 23.33
N DLY A 3 -4.99 11.64 25.18
CA DLY A 3 -6.23 12.33 25.49
C DLY A 3 -7.46 11.68 24.84
O DLY A 3 -8.54 12.27 24.78
CB DLY A 3 -6.42 12.43 27.02
N DHI A 4 -7.26 10.46 24.34
CA DHI A 4 -8.29 9.66 23.69
C DHI A 4 -8.58 10.13 22.26
O DHI A 4 -7.68 10.34 21.45
CB DHI A 4 -7.84 8.20 23.67
CG DHI A 4 -7.60 7.62 25.03
ND1 DHI A 4 -8.58 7.55 26.00
CD2 DHI A 4 -6.49 7.09 25.58
CE1 DHI A 4 -8.08 7.00 27.09
NE2 DHI A 4 -6.81 6.71 26.86
N DSN A 5 -9.88 10.25 21.97
CA DSN A 5 -10.39 10.61 20.64
C DSN A 5 -9.83 9.75 19.49
O DSN A 5 -9.72 10.19 18.34
CB DSN A 5 -11.92 10.52 20.68
OG DSN A 5 -12.54 11.43 19.79
N DTR A 6 -9.47 8.52 19.82
CA DTR A 6 -9.06 7.54 18.81
CB DTR A 6 -9.74 6.19 19.07
CG DTR A 6 -9.75 5.74 20.54
CD1 DTR A 6 -10.79 5.84 21.42
NE1 DTR A 6 -10.42 5.33 22.65
CE2 DTR A 6 -9.13 4.89 22.58
CZ2 DTR A 6 -8.32 4.31 23.56
CH2 DTR A 6 -7.04 3.96 23.21
CZ3 DTR A 6 -6.55 4.19 21.93
CE3 DTR A 6 -7.35 4.78 20.95
CD2 DTR A 6 -8.66 5.14 21.27
C DTR A 6 -7.56 7.31 18.74
O DTR A 6 -7.10 6.45 17.97
N DTY A 7 -6.78 8.04 19.51
CA DTY A 7 -5.35 7.79 19.52
C DTY A 7 -4.56 8.78 18.68
O DTY A 7 -4.22 9.86 19.15
CB DTY A 7 -4.83 7.80 20.96
CG DTY A 7 -3.45 7.24 21.03
CD1 DTY A 7 -3.24 5.87 20.98
CD2 DTY A 7 -2.34 8.07 21.12
CE1 DTY A 7 -1.97 5.35 21.03
CE2 DTY A 7 -1.07 7.56 21.18
CZ DTY A 7 -0.90 6.19 21.13
OH DTY A 7 0.37 5.67 21.18
N DHI A 8 -4.23 8.39 17.44
CA DHI A 8 -3.53 9.32 16.54
C DHI A 8 -2.03 9.27 16.69
O DHI A 8 -1.30 10.03 16.04
CB DHI A 8 -3.90 9.09 15.07
CG DHI A 8 -5.33 9.39 14.75
ND1 DHI A 8 -5.71 9.93 13.55
CD2 DHI A 8 -6.46 9.15 15.44
CE1 DHI A 8 -7.02 10.06 13.53
NE2 DHI A 8 -7.51 9.59 14.67
N GLY A 9 -1.55 8.39 17.55
CA GLY A 9 -0.14 8.32 17.85
C GLY A 9 0.70 7.85 16.69
N DPR A 10 1.82 8.54 16.45
CA DPR A 10 2.78 8.13 15.43
CB DPR A 10 4.04 8.89 15.83
CG DPR A 10 3.53 10.12 16.49
CD DPR A 10 2.27 9.73 17.20
C DPR A 10 2.34 8.48 14.00
O DPR A 10 2.81 9.44 13.40
N DVA A 11 1.44 7.67 13.47
CA DVA A 11 0.84 7.93 12.17
CB DVA A 11 -0.61 8.42 12.34
CG1 DVA A 11 -0.63 9.90 12.66
CG2 DVA A 11 -1.46 8.09 11.16
C DVA A 11 0.98 6.67 11.32
O DVA A 11 0.71 5.57 11.78
N DSN A 12 1.43 6.84 10.08
CA DSN A 12 1.84 5.69 9.26
C DSN A 12 0.65 4.88 8.77
O DSN A 12 -0.49 5.33 8.76
CB DSN A 12 2.62 6.13 8.04
OG DSN A 12 1.74 6.47 7.00
N DAR A 13 0.98 3.67 8.31
CA DAR A 13 0.01 2.74 7.76
CB DAR A 13 0.73 1.46 7.34
CG DAR A 13 -0.16 0.24 7.09
CD DAR A 13 -0.44 0.05 5.61
NE DAR A 13 -0.05 -1.26 5.09
CZ DAR A 13 0.18 -1.52 3.81
NH1 DAR A 13 -0.07 -0.61 2.87
NH2 DAR A 13 0.62 -2.73 3.45
C DAR A 13 -0.74 3.40 6.59
O DAR A 13 -1.96 3.31 6.52
N DSG A 14 -0.02 4.10 5.71
CA DSG A 14 -0.66 4.85 4.63
C DSG A 14 -1.59 5.94 5.13
O DSG A 14 -2.74 6.03 4.72
CB DSG A 14 0.36 5.52 3.72
CG DSG A 14 1.07 4.53 2.82
OD1 DSG A 14 0.54 3.45 2.51
ND2 DSG A 14 2.25 4.93 2.34
N DAL A 15 -1.05 6.81 5.98
CA DAL A 15 -1.79 7.91 6.56
CB DAL A 15 -0.96 8.61 7.63
C DAL A 15 -3.11 7.42 7.14
O DAL A 15 -4.14 8.05 6.94
N DAL A 16 -3.06 6.30 7.85
CA DAL A 16 -4.25 5.70 8.40
CB DAL A 16 -3.88 4.45 9.16
C DAL A 16 -5.26 5.38 7.31
O DAL A 16 -6.44 5.64 7.45
N DGL A 17 -4.77 4.84 6.18
CA DGL A 17 -5.63 4.52 5.04
C DGL A 17 -6.25 5.78 4.42
O DGL A 17 -7.39 5.74 3.97
CB DGL A 17 -4.87 3.68 4.00
CG DGL A 17 -4.67 2.23 4.44
CD DGL A 17 -3.75 1.40 3.54
OE1 DGL A 17 -3.07 1.93 2.64
OE2 DGL A 17 -3.70 0.17 3.77
N DTY A 18 -5.52 6.89 4.40
CA DTY A 18 -6.09 8.16 3.90
C DTY A 18 -7.16 8.68 4.84
O DTY A 18 -8.23 9.09 4.39
CB DTY A 18 -5.01 9.22 3.69
CG DTY A 18 -5.50 10.62 3.30
CD1 DTY A 18 -5.94 10.90 2.00
CD2 DTY A 18 -5.45 11.68 4.21
CE1 DTY A 18 -6.37 12.18 1.63
CE2 DTY A 18 -5.87 12.98 3.86
CZ DTY A 18 -6.33 13.22 2.57
OH DTY A 18 -6.74 14.48 2.21
N DLE A 19 -6.86 8.67 6.14
CA DLE A 19 -7.76 9.23 7.15
CB DLE A 19 -7.09 9.29 8.52
CG DLE A 19 -5.93 10.30 8.61
CD1 DLE A 19 -6.46 11.73 8.44
CD2 DLE A 19 -5.12 10.16 9.89
C DLE A 19 -9.06 8.47 7.22
O DLE A 19 -10.07 9.02 7.65
N DLE A 20 -9.06 7.24 6.77
CA DLE A 20 -10.27 6.45 6.83
CB DLE A 20 -9.96 5.04 7.29
CG DLE A 20 -9.61 4.88 8.77
CD1 DLE A 20 -10.88 5.01 9.62
CD2 DLE A 20 -8.89 3.56 9.06
C DLE A 20 -10.96 6.40 5.47
O DLE A 20 -11.98 5.76 5.34
N DSN A 21 -10.41 7.08 4.46
CA DSN A 21 -10.93 6.91 3.10
C DSN A 21 -12.34 7.50 2.98
O DSN A 21 -13.04 7.23 2.01
CB DSN A 21 -10.00 7.57 2.09
OG DSN A 21 -10.02 8.97 2.25
N DSN A 22 -12.71 8.27 3.99
CA DSN A 22 -14.01 8.94 4.02
C DSN A 22 -14.81 8.73 5.33
O DSN A 22 -15.54 9.63 5.76
CB DSN A 22 -13.78 10.43 3.76
OG DSN A 22 -12.94 10.98 4.74
N GLY A 23 -14.66 7.56 5.94
CA GLY A 23 -15.45 7.20 7.10
C GLY A 23 -16.64 6.30 6.77
N DIL A 24 -17.17 5.59 7.77
CA DIL A 24 -18.20 4.58 7.54
C DIL A 24 -17.81 3.31 8.27
O DIL A 24 -16.72 3.25 8.83
CB DIL A 24 -19.58 5.03 8.02
CG1 DIL A 24 -19.56 5.22 9.52
CG2 DIL A 24 -19.97 6.30 7.32
CD1 DIL A 24 -20.92 5.52 10.09
N DSG A 25 -18.68 2.31 8.28
CA DSG A 25 -18.34 1.06 8.93
C DSG A 25 -18.18 1.29 10.42
O DSG A 25 -19.10 1.77 11.08
CB DSG A 25 -19.32 -0.10 8.67
CG DSG A 25 -19.34 -0.56 7.21
OD1 DSG A 25 -18.59 -0.06 6.37
ND2 DSG A 25 -20.12 -1.60 6.95
N GLY A 26 -17.02 0.93 10.94
CA GLY A 26 -16.74 1.14 12.35
C GLY A 26 -15.80 2.29 12.64
N DSN A 27 -15.52 3.12 11.65
CA DSN A 27 -14.51 4.15 11.83
C DSN A 27 -13.19 3.47 12.09
O DSN A 27 -12.93 2.39 11.55
CB DSN A 27 -14.43 5.07 10.61
OG DSN A 27 -15.58 5.88 10.53
N DPN A 28 -12.35 4.06 12.93
CA DPN A 28 -11.08 3.43 13.28
C DPN A 28 -10.15 4.38 14.01
O DPN A 28 -10.50 5.51 14.30
CB DPN A 28 -11.33 2.23 14.19
CG DPN A 28 -11.58 2.60 15.59
CD1 DPN A 28 -12.76 3.22 15.96
CD2 DPN A 28 -10.65 2.32 16.56
CE1 DPN A 28 -13.00 3.57 17.27
CE2 DPN A 28 -10.88 2.65 17.88
CZ DPN A 28 -12.06 3.28 18.24
N DLE A 29 -8.95 3.88 14.31
CA DLE A 29 -7.92 4.62 15.02
CB DLE A 29 -7.34 5.74 14.15
CG DLE A 29 -6.55 5.39 12.89
CD1 DLE A 29 -6.79 6.45 11.84
CD2 DLE A 29 -5.06 5.25 13.15
C DLE A 29 -6.81 3.69 15.48
O DLE A 29 -6.65 2.58 14.94
N DVA A 30 -6.03 4.13 16.46
CA DVA A 30 -4.85 3.38 16.89
CB DVA A 30 -4.92 3.04 18.39
CG1 DVA A 30 -6.12 2.17 18.68
CG2 DVA A 30 -3.65 2.34 18.84
C DVA A 30 -3.61 4.16 16.55
O DVA A 30 -3.55 5.37 16.80
N DAR A 31 -2.61 3.50 16.00
CA DAR A 31 -1.42 4.21 15.54
CB DAR A 31 -1.43 4.27 14.01
CG DAR A 31 -1.47 2.91 13.35
CD DAR A 31 -1.66 3.00 11.85
NE DAR A 31 -1.82 1.68 11.27
CZ DAR A 31 -0.81 0.88 10.97
NH1 DAR A 31 0.45 1.25 11.15
NH2 DAR A 31 -1.07 -0.32 10.45
C DAR A 31 -0.18 3.52 16.05
O DAR A 31 -0.19 2.33 16.32
N DGL A 32 0.90 4.29 16.20
CA DGL A 32 2.16 3.72 16.68
C DGL A 32 3.07 3.29 15.57
O DGL A 32 2.64 2.81 14.53
CB DGL A 32 2.91 4.70 17.57
CG DGL A 32 2.36 4.80 18.98
CD DGL A 32 3.07 5.88 19.79
OE1 DGL A 32 3.79 6.72 19.20
OE2 DGL A 32 2.90 5.89 21.04
N DSN A 33 4.36 3.48 15.81
CA DSN A 33 5.34 3.05 14.85
C DSN A 33 6.70 3.71 14.99
O DSN A 33 7.70 3.01 15.09
CB DSN A 33 5.52 1.53 14.97
OG DSN A 33 6.17 0.98 13.82
N DGL A 34 6.74 5.05 14.93
CA DGL A 34 7.97 5.83 15.12
C DGL A 34 8.99 5.16 16.02
O DGL A 34 9.00 5.37 17.23
CB DGL A 34 8.67 6.19 13.80
CG DGL A 34 8.21 7.48 13.14
CD DGL A 34 9.21 8.03 12.10
OE1 DGL A 34 10.16 7.31 11.70
OE2 DGL A 34 9.05 9.19 11.69
N DSN A 35 9.86 4.36 15.38
CA DSN A 35 10.85 3.49 16.02
C DSN A 35 10.60 3.08 17.49
O DSN A 35 10.91 3.83 18.42
CB DSN A 35 11.06 2.24 15.15
OG DSN A 35 9.84 1.60 14.81
N DSN A 36 10.07 1.88 17.69
CA DSN A 36 9.62 1.47 19.01
C DSN A 36 8.12 1.80 19.10
O DSN A 36 7.30 1.20 18.40
CB DSN A 36 9.89 -0.02 19.27
OG DSN A 36 9.32 -0.83 18.26
N DPR A 37 7.75 2.78 19.97
CA DPR A 37 6.35 3.20 20.13
CB DPR A 37 6.44 4.44 21.04
CG DPR A 37 7.85 4.57 21.45
CD DPR A 37 8.68 3.51 20.85
C DPR A 37 5.43 2.13 20.76
O DPR A 37 4.27 2.44 21.07
N GLY A 38 5.93 0.91 20.92
CA GLY A 38 5.13 -0.21 21.39
C GLY A 38 4.42 -1.00 20.30
N DGN A 39 5.02 -1.06 19.11
CA DGN A 39 4.39 -1.71 17.98
C DGN A 39 3.16 -0.92 17.59
O DGN A 39 3.27 0.19 17.06
CB DGN A 39 5.32 -1.79 16.77
CG DGN A 39 6.68 -2.41 17.04
CD DGN A 39 7.54 -2.50 15.78
OE1 DGN A 39 7.06 -2.21 14.67
NE2 DGN A 39 8.81 -2.88 15.93
N DAR A 40 1.99 -1.47 17.87
CA DAR A 40 0.78 -0.73 17.59
CB DAR A 40 0.13 -0.19 18.83
CG DAR A 40 0.84 0.95 19.42
CD DAR A 40 0.25 1.10 20.75
NE DAR A 40 0.81 2.22 21.48
CZ DAR A 40 0.58 2.41 22.77
NH1 DAR A 40 1.04 3.49 23.37
NH2 DAR A 40 -0.12 1.51 23.46
C DAR A 40 -0.25 -1.51 16.87
O DAR A 40 -0.29 -2.73 16.94
N DSN A 41 -1.13 -0.77 16.22
CA DSN A 41 -2.09 -1.36 15.34
C DSN A 41 -3.40 -0.58 15.36
O DSN A 41 -3.42 0.63 15.60
CB DSN A 41 -1.50 -1.42 13.94
OG DSN A 41 -0.38 -2.29 13.89
N DIL A 42 -4.47 -1.32 15.13
CA DIL A 42 -5.77 -0.74 14.92
C DIL A 42 -5.97 -0.65 13.43
O DIL A 42 -5.69 -1.61 12.70
CB DIL A 42 -6.86 -1.60 15.53
CG1 DIL A 42 -6.64 -1.75 17.05
CG2 DIL A 42 -8.23 -1.00 15.25
CD1 DIL A 42 -7.46 -2.86 17.71
N DSN A 43 -6.45 0.49 12.96
CA DSN A 43 -6.83 0.60 11.58
C DSN A 43 -8.33 0.81 11.63
O DSN A 43 -8.83 1.43 12.55
CB DSN A 43 -6.08 1.73 10.90
OG DSN A 43 -4.68 1.39 10.79
N DLE A 44 -9.04 0.27 10.65
CA DLE A 44 -10.45 -0.02 10.80
CB DLE A 44 -10.57 -1.42 11.37
CG DLE A 44 -11.95 -2.05 11.53
CD1 DLE A 44 -11.78 -3.42 12.13
CD2 DLE A 44 -12.79 -1.16 12.41
C DLE A 44 -11.12 0.00 9.44
O DLE A 44 -10.65 -0.66 8.52
N DAR A 45 -12.20 0.74 9.30
CA DAR A 45 -12.91 0.80 8.02
CB DAR A 45 -13.32 2.24 7.66
CG DAR A 45 -14.02 2.36 6.31
CD DAR A 45 -14.34 3.82 6.00
NE DAR A 45 -15.25 3.98 4.86
CZ DAR A 45 -14.89 4.32 3.63
NH1 DAR A 45 -13.62 4.52 3.30
NH2 DAR A 45 -15.83 4.44 2.70
C DAR A 45 -14.12 -0.10 8.05
O DAR A 45 -14.90 -0.07 9.02
N DTY A 46 -14.30 -0.88 6.98
CA DTY A 46 -15.41 -1.81 6.87
C DTY A 46 -15.77 -2.08 5.42
O DTY A 46 -14.94 -2.56 4.66
CB DTY A 46 -15.04 -3.13 7.54
CG DTY A 46 -16.04 -4.22 7.35
CD1 DTY A 46 -17.27 -4.20 7.98
CD2 DTY A 46 -15.75 -5.32 6.55
CE1 DTY A 46 -18.19 -5.21 7.83
CE2 DTY A 46 -16.67 -6.35 6.38
CZ DTY A 46 -17.89 -6.29 7.03
OH DTY A 46 -18.80 -7.31 6.87
N DGL A 47 -17.02 -1.76 5.06
CA DGL A 47 -17.53 -1.93 3.70
C DGL A 47 -16.68 -1.26 2.63
O DGL A 47 -16.39 -1.86 1.60
CB DGL A 47 -17.67 -3.41 3.34
CG DGL A 47 -18.72 -4.17 4.13
CD DGL A 47 -20.12 -3.67 3.87
OE1 DGL A 47 -20.44 -3.29 2.71
OE2 DGL A 47 -20.92 -3.68 4.83
N GLY A 48 -16.26 -0.02 2.87
CA GLY A 48 -15.51 0.72 1.87
C GLY A 48 -14.03 0.45 1.86
N DAR A 49 -13.61 -0.55 2.65
CA DAR A 49 -12.22 -0.98 2.69
CB DAR A 49 -12.15 -2.46 2.34
CG DAR A 49 -12.78 -2.86 1.03
CD DAR A 49 -12.68 -4.37 0.85
NE DAR A 49 -13.52 -5.11 1.79
CZ DAR A 49 -14.81 -5.36 1.57
NH1 DAR A 49 -15.49 -6.09 2.46
NH2 DAR A 49 -15.44 -4.86 0.52
C DAR A 49 -11.58 -0.80 4.06
O DAR A 49 -12.27 -0.69 5.08
N DVA A 50 -10.26 -0.83 4.11
CA DVA A 50 -9.55 -0.72 5.38
CB DVA A 50 -8.50 0.41 5.33
CG1 DVA A 50 -9.15 1.74 5.55
CG2 DVA A 50 -7.42 0.17 6.35
C DVA A 50 -8.93 -2.04 5.79
O DVA A 50 -8.30 -2.70 4.96
N DTY A 51 -9.10 -2.40 7.06
CA DTY A 51 -8.40 -3.53 7.65
C DTY A 51 -7.47 -3.12 8.77
O DTY A 51 -7.81 -2.25 9.57
CB DTY A 51 -9.39 -4.56 8.22
CG DTY A 51 -10.31 -5.18 7.21
CD1 DTY A 51 -11.30 -4.42 6.60
CD2 DTY A 51 -10.18 -6.51 6.86
CE1 DTY A 51 -12.15 -5.00 5.65
CE2 DTY A 51 -11.02 -7.09 5.91
CZ DTY A 51 -12.00 -6.33 5.31
OH DTY A 51 -12.84 -6.90 4.38
N DHI A 52 -6.32 -3.78 8.86
CA DHI A 52 -5.34 -3.49 9.90
C DHI A 52 -5.13 -4.70 10.81
O DHI A 52 -5.04 -5.83 10.34
CB DHI A 52 -3.99 -3.08 9.30
CG DHI A 52 -4.09 -1.90 8.38
ND1 DHI A 52 -4.27 -0.61 8.81
CD2 DHI A 52 -4.01 -1.83 7.02
CE1 DHI A 52 -4.31 0.21 7.78
NE2 DHI A 52 -4.15 -0.50 6.67
N DTY A 53 -5.05 -4.47 12.12
CA DTY A 53 -4.82 -5.53 13.08
C DTY A 53 -3.70 -5.14 14.06
O DTY A 53 -3.79 -4.12 14.75
CB DTY A 53 -6.07 -5.80 13.89
CG DTY A 53 -7.28 -6.22 13.09
CD1 DTY A 53 -8.07 -5.29 12.43
CD2 DTY A 53 -7.66 -7.56 13.04
CE1 DTY A 53 -9.19 -5.69 11.71
CE2 DTY A 53 -8.77 -7.96 12.33
CZ DTY A 53 -9.54 -7.02 11.67
OH DTY A 53 -10.66 -7.45 10.96
N DAR A 54 -2.65 -5.95 14.12
CA DAR A 54 -1.58 -5.70 15.06
CB DAR A 54 -0.40 -6.61 14.78
CG DAR A 54 0.66 -6.55 15.85
CD DAR A 54 1.84 -7.36 15.42
NE DAR A 54 1.45 -8.76 15.26
CZ DAR A 54 2.19 -9.67 14.64
NH1 DAR A 54 3.35 -9.36 14.10
NH2 DAR A 54 1.75 -10.93 14.58
C DAR A 54 -2.03 -5.94 16.48
O DAR A 54 -2.69 -6.94 16.75
N DIL A 55 -1.67 -5.03 17.37
CA DIL A 55 -1.88 -5.25 18.80
C DIL A 55 -0.68 -5.98 19.38
O DIL A 55 0.30 -5.37 19.74
CB DIL A 55 -2.19 -3.95 19.53
CG1 DIL A 55 -3.50 -3.38 19.02
CG2 DIL A 55 -2.33 -4.22 21.00
CD1 DIL A 55 -3.72 -1.96 19.38
N DSG A 56 -0.80 -7.31 19.45
CA DSG A 56 0.25 -8.20 19.95
C DSG A 56 0.61 -7.94 21.39
O DSG A 56 -0.26 -7.69 22.21
CB DSG A 56 -0.21 -9.66 19.87
CG DSG A 56 -0.35 -10.17 18.48
OD1 DSG A 56 0.57 -10.06 17.68
ND2 DSG A 56 -1.51 -10.69 18.16
N DTH A 57 1.90 -8.01 21.70
CA DTH A 57 2.36 -7.88 23.08
CB DTH A 57 3.16 -6.57 23.33
CG2 DTH A 57 2.30 -5.33 23.05
OG1 DTH A 57 4.31 -6.52 22.48
C DTH A 57 3.23 -9.08 23.44
O DTH A 57 3.98 -9.59 22.61
N DCY A 58 3.11 -9.55 24.68
CA DCY A 58 4.00 -10.56 25.21
C DCY A 58 5.00 -9.87 26.13
O DCY A 58 4.83 -8.71 26.49
CB DCY A 58 3.22 -11.62 25.99
SG DCY A 58 1.98 -12.53 25.01
N DSN A 59 6.05 -10.60 26.50
CA DSN A 59 7.09 -10.03 27.35
C DSN A 59 6.63 -9.84 28.80
O DSN A 59 7.21 -9.05 29.53
CB DSN A 59 8.38 -10.83 27.26
OG DSN A 59 8.14 -12.21 27.51
N DAS A 60 5.57 -10.54 29.22
CA DAS A 60 4.98 -10.29 30.53
C DAS A 60 3.98 -9.13 30.56
O DAS A 60 3.29 -8.92 31.55
CB DAS A 60 4.36 -11.56 31.13
CG DAS A 60 3.21 -12.11 30.29
OD1 DAS A 60 2.82 -11.47 29.30
OD2 DAS A 60 2.71 -13.21 30.62
N GLY A 61 3.91 -8.38 29.48
CA GLY A 61 3.08 -7.19 29.44
C GLY A 61 1.74 -7.26 28.72
N DLY A 62 1.15 -8.45 28.65
CA DLY A 62 -0.16 -8.65 28.01
C DLY A 62 -0.24 -8.14 26.57
O DLY A 62 0.66 -8.36 25.76
CB DLY A 62 -0.59 -10.12 28.09
CG DLY A 62 -0.85 -10.60 29.52
CD DLY A 62 -2.09 -9.96 30.13
CE DLY A 62 -2.71 -10.86 31.20
NZ DLY A 62 -3.88 -10.23 31.83
N DLE A 63 -1.33 -7.46 26.24
CA DLE A 63 -1.56 -7.04 24.86
CB DLE A 63 -1.24 -5.56 24.64
CG DLE A 63 -1.72 -4.49 25.62
CD1 DLE A 63 -0.76 -3.33 25.56
CD2 DLE A 63 -3.11 -4.02 25.25
C DLE A 63 -2.97 -7.43 24.39
O DLE A 63 -3.90 -7.50 25.21
N DTY A 64 -3.13 -7.70 23.09
CA DTY A 64 -4.31 -8.41 22.59
C DTY A 64 -4.41 -8.43 21.06
O DTY A 64 -3.38 -8.46 20.38
CB DTY A 64 -4.34 -9.83 23.18
CG DTY A 64 -3.31 -10.83 22.64
CD1 DTY A 64 -3.42 -11.36 21.36
CD2 DTY A 64 -2.23 -11.22 23.42
CE1 DTY A 64 -2.48 -12.30 20.89
CE2 DTY A 64 -1.29 -12.14 22.96
CZ DTY A 64 -1.42 -12.67 21.69
OH DTY A 64 -0.49 -13.57 21.25
N DVA A 65 -5.62 -8.41 20.51
CA DVA A 65 -5.73 -8.62 19.06
CB DVA A 65 -6.64 -7.60 18.32
CG1 DVA A 65 -8.04 -7.64 18.85
CG2 DVA A 65 -6.08 -6.20 18.46
C DVA A 65 -6.13 -10.08 18.75
O DVA A 65 -5.67 -10.65 17.75
N DSN A 66 -6.96 -10.67 19.62
CA DSN A 66 -7.27 -12.09 19.54
C DSN A 66 -6.79 -12.80 20.81
O DSN A 66 -6.87 -12.24 21.92
CB DSN A 66 -8.76 -12.34 19.33
OG DSN A 66 -9.50 -11.94 20.46
N DSN A 67 -6.29 -14.01 20.63
CA DSN A 67 -5.52 -14.71 21.66
C DSN A 67 -6.27 -15.29 22.87
O DSN A 67 -5.68 -16.05 23.63
CB DSN A 67 -4.64 -15.78 21.00
OG DSN A 67 -5.38 -16.64 20.14
N DGL A 68 -7.54 -14.92 23.06
CA DGL A 68 -8.27 -15.30 24.28
C DGL A 68 -8.83 -14.07 24.96
O DGL A 68 -9.76 -14.15 25.74
CB DGL A 68 -9.41 -16.28 23.99
CG DGL A 68 -8.96 -17.65 23.52
CD DGL A 68 -8.72 -17.69 22.02
OE1 DGL A 68 -8.38 -18.78 21.50
OE2 DGL A 68 -8.88 -16.64 21.36
N DSN A 69 -8.26 -12.93 24.64
CA DSN A 69 -8.75 -11.70 25.20
C DSN A 69 -7.58 -10.79 25.53
O DSN A 69 -7.45 -9.70 24.98
CB DSN A 69 -9.73 -11.03 24.24
OG DSN A 69 -10.80 -11.91 23.96
N DAR A 70 -6.71 -11.26 26.41
CA DAR A 70 -5.57 -10.48 26.85
CB DAR A 70 -4.54 -11.36 27.55
CG DAR A 70 -3.80 -12.24 26.59
CD DAR A 70 -4.39 -13.63 26.53
NE DAR A 70 -3.95 -14.35 25.34
CZ DAR A 70 -2.71 -14.69 25.05
NH1 DAR A 70 -1.69 -14.34 25.82
NH2 DAR A 70 -2.46 -15.38 23.93
C DAR A 70 -6.01 -9.34 27.75
O DAR A 70 -7.05 -9.41 28.39
N DPN A 71 -5.22 -8.27 27.75
CA DPN A 71 -5.44 -7.11 28.61
C DPN A 71 -4.09 -6.60 29.12
O DPN A 71 -3.04 -7.01 28.63
CB DPN A 71 -6.15 -5.97 27.86
CG DPN A 71 -7.55 -6.29 27.42
CD1 DPN A 71 -7.81 -7.10 26.33
CD2 DPN A 71 -8.63 -5.71 28.08
CE1 DPN A 71 -9.10 -7.38 25.94
CE2 DPN A 71 -9.92 -5.98 27.69
CZ DPN A 71 -10.15 -6.81 26.62
N DSG A 72 -4.14 -5.72 30.13
CA DSG A 72 -2.93 -5.13 30.69
C DSG A 72 -2.78 -3.73 30.13
O DSG A 72 -1.69 -3.31 29.74
CB DSG A 72 -3.00 -5.09 32.23
CG DSG A 72 -2.96 -6.47 32.85
OD1 DSG A 72 -2.06 -7.27 32.57
ND2 DSG A 72 -3.94 -6.76 33.69
N DTH A 73 -3.89 -2.98 30.08
CA DTH A 73 -3.90 -1.67 29.45
CB DTH A 73 -4.48 -0.57 30.38
CG2 DTH A 73 -5.45 -1.12 31.30
OG1 DTH A 73 -5.10 0.45 29.60
C DTH A 73 -4.57 -1.64 28.09
O DTH A 73 -5.44 -2.45 27.81
N DLE A 74 -4.13 -0.71 27.26
CA DLE A 74 -4.67 -0.53 25.93
CB DLE A 74 -3.80 0.48 25.18
CG DLE A 74 -4.14 0.83 23.75
CD1 DLE A 74 -3.21 1.90 23.24
CD2 DLE A 74 -4.01 -0.43 22.93
C DLE A 74 -6.12 -0.04 25.95
O DLE A 74 -6.99 -0.67 25.40
N DAL A 75 -6.35 1.11 26.60
CA DAL A 75 -7.69 1.70 26.72
CB DAL A 75 -7.66 2.82 27.77
C DAL A 75 -8.78 0.68 27.06
O DAL A 75 -9.90 0.76 26.55
N DGL A 76 -8.42 -0.27 27.92
CA DGL A 76 -9.26 -1.42 28.21
C DGL A 76 -9.59 -2.20 26.92
O DGL A 76 -10.75 -2.36 26.57
CB DGL A 76 -8.57 -2.36 29.19
CG DGL A 76 -8.72 -2.00 30.64
CD DGL A 76 -7.93 -2.94 31.53
OE1 DGL A 76 -7.22 -3.80 30.95
OE2 DGL A 76 -7.94 -2.77 32.77
N DLE A 77 -8.53 -2.67 26.25
CA DLE A 77 -8.66 -3.44 25.02
CB DLE A 77 -7.28 -3.64 24.36
CG DLE A 77 -7.13 -4.55 23.14
CD1 DLE A 77 -7.39 -3.80 21.88
CD2 DLE A 77 -5.74 -5.13 23.04
C DLE A 77 -9.62 -2.76 24.02
O DLE A 77 -10.45 -3.42 23.41
N DVA A 78 -9.50 -1.45 23.87
CA DVA A 78 -10.35 -0.71 22.93
CB DVA A 78 -9.84 0.72 22.69
CG1 DVA A 78 -8.50 0.68 22.00
CG2 DVA A 78 -10.85 1.52 21.87
C DVA A 78 -11.80 -0.70 23.36
O DVA A 78 -12.69 -0.93 22.55
N DHI A 79 -12.04 -0.40 24.63
CA DHI A 79 -13.39 -0.39 25.16
C DHI A 79 -14.10 -1.73 24.87
O DHI A 79 -15.27 -1.76 24.50
CB DHI A 79 -13.37 -0.07 26.65
CG DHI A 79 -14.73 -0.02 27.27
ND1 DHI A 79 -15.62 1.00 27.05
CD2 DHI A 79 -15.35 -0.87 28.13
CE1 DHI A 79 -16.73 0.78 27.74
NE2 DHI A 79 -16.59 -0.35 28.40
N DHI A 80 -13.34 -2.82 24.99
CA DHI A 80 -13.85 -4.19 24.80
C DHI A 80 -14.29 -4.52 23.37
O DHI A 80 -15.38 -5.06 23.17
CB DHI A 80 -12.77 -5.19 25.24
CG DHI A 80 -13.13 -6.63 24.99
ND1 DHI A 80 -14.05 -7.31 25.75
CD2 DHI A 80 -12.68 -7.51 24.06
CE1 DHI A 80 -14.16 -8.55 25.30
NE2 DHI A 80 -13.34 -8.70 24.27
N DHI A 81 -13.45 -4.21 22.39
CA DHI A 81 -13.75 -4.49 21.00
C DHI A 81 -14.65 -3.41 20.42
O DHI A 81 -15.16 -3.54 19.30
CB DHI A 81 -12.47 -4.61 20.17
CG DHI A 81 -11.66 -5.84 20.49
ND1 DHI A 81 -11.93 -7.08 19.95
CD2 DHI A 81 -10.59 -6.01 21.31
CE1 DHI A 81 -11.06 -7.95 20.42
NE2 DHI A 81 -10.24 -7.34 21.24
N DSN A 82 -14.83 -2.32 21.16
CA DSN A 82 -15.76 -1.29 20.76
C DSN A 82 -17.15 -1.63 21.25
O DSN A 82 -18.12 -0.97 20.90
CB DSN A 82 -15.31 0.08 21.28
OG DSN A 82 -15.30 0.07 22.69
N DTH A 83 -17.25 -2.66 22.09
CA DTH A 83 -18.54 -3.14 22.52
CB DTH A 83 -18.71 -3.16 24.09
CG2 DTH A 83 -17.50 -3.72 24.80
OG1 DTH A 83 -19.84 -3.94 24.46
C DTH A 83 -18.92 -4.47 21.83
O DTH A 83 -20.04 -4.62 21.33
N DVA A 84 -17.99 -5.42 21.77
CA DVA A 84 -18.19 -6.64 20.96
CB DVA A 84 -18.51 -7.87 21.84
CG1 DVA A 84 -17.40 -8.09 22.86
CG2 DVA A 84 -19.86 -7.71 22.51
C DVA A 84 -17.02 -6.95 20.05
O DVA A 84 -15.89 -7.01 20.50
N DAL A 85 -17.31 -7.15 18.77
CA DAL A 85 -16.26 -7.33 17.74
CB DAL A 85 -16.90 -7.73 16.42
C DAL A 85 -15.13 -8.30 18.12
O DAL A 85 -13.97 -7.98 17.86
N DAS A 86 -15.47 -9.44 18.71
CA DAS A 86 -14.50 -10.41 19.25
C DAS A 86 -13.26 -10.69 18.39
O DAS A 86 -12.14 -10.77 18.91
CB DAS A 86 -14.08 -10.01 20.68
CG DAS A 86 -13.36 -11.14 21.43
OD1 DAS A 86 -13.25 -12.25 20.89
OD2 DAS A 86 -12.90 -10.90 22.58
N GLY A 87 -13.45 -10.82 17.07
CA GLY A 87 -12.33 -11.12 16.17
C GLY A 87 -12.10 -10.09 15.08
N DLE A 88 -12.61 -8.89 15.32
CA DLE A 88 -12.57 -7.86 14.30
CB DLE A 88 -12.65 -6.47 14.94
CG DLE A 88 -11.57 -6.22 16.01
CD1 DLE A 88 -10.17 -6.43 15.45
CD2 DLE A 88 -11.68 -4.84 16.64
C DLE A 88 -13.72 -8.09 13.32
O DLE A 88 -14.75 -8.67 13.66
N DIL A 89 -13.51 -7.64 12.10
CA DIL A 89 -14.54 -7.77 11.11
C DIL A 89 -15.75 -6.89 11.50
O DIL A 89 -16.87 -7.18 11.09
CB DIL A 89 -13.97 -7.47 9.73
CG1 DIL A 89 -14.90 -8.01 8.65
CG2 DIL A 89 -13.73 -5.99 9.56
CD1 DIL A 89 -14.50 -9.39 8.10
N DTH A 90 -15.53 -5.86 12.31
CA DTH A 90 -16.59 -5.04 12.89
CB DTH A 90 -17.08 -3.90 11.96
CG2 DTH A 90 -17.90 -2.83 12.67
OG1 DTH A 90 -17.92 -4.47 10.96
C DTH A 90 -16.16 -4.46 14.20
O DTH A 90 -14.96 -4.29 14.42
N DTH A 91 -17.11 -4.22 15.09
CA DTH A 91 -16.86 -3.53 16.34
CB DTH A 91 -18.17 -3.31 17.15
CG2 DTH A 91 -18.83 -4.65 17.47
OG1 DTH A 91 -19.08 -2.52 16.38
C DTH A 91 -16.28 -2.14 16.05
O DTH A 91 -16.68 -1.47 15.10
N DLE A 92 -15.31 -1.74 16.88
CA DLE A 92 -14.80 -0.37 16.84
CB DLE A 92 -13.65 -0.20 17.82
CG DLE A 92 -12.54 -1.18 17.49
CD1 DLE A 92 -12.07 -0.90 16.08
CD2 DLE A 92 -11.40 -1.06 18.47
C DLE A 92 -15.95 0.51 17.22
O DLE A 92 -16.73 0.20 18.12
N DHI A 93 -16.08 1.63 16.53
CA DHI A 93 -17.32 2.38 16.62
C DHI A 93 -17.08 3.88 16.60
O DHI A 93 -17.61 4.60 17.44
CB DHI A 93 -18.22 1.96 15.48
CG DHI A 93 -19.68 1.90 15.84
ND1 DHI A 93 -20.38 2.98 16.34
CD2 DHI A 93 -20.56 0.88 15.77
CE1 DHI A 93 -21.63 2.62 16.56
NE2 DHI A 93 -21.78 1.35 16.22
N DTY A 94 -16.29 4.37 15.66
CA DTY A 94 -16.16 5.82 15.50
C DTY A 94 -14.71 6.20 15.32
O DTY A 94 -14.11 5.87 14.31
CB DTY A 94 -16.92 6.28 14.26
CG DTY A 94 -18.36 5.81 14.18
CD1 DTY A 94 -19.34 6.38 14.98
CD2 DTY A 94 -18.74 4.78 13.32
CE1 DTY A 94 -20.65 5.95 14.92
CE2 DTY A 94 -20.06 4.35 13.25
CZ DTY A 94 -21.02 4.94 14.06
OH DTY A 94 -22.33 4.51 14.00
N DPR A 95 -14.14 6.87 16.32
CA DPR A 95 -12.76 7.35 16.11
CB DPR A 95 -12.45 8.08 17.43
CG DPR A 95 -13.34 7.43 18.43
CD DPR A 95 -14.62 7.14 17.68
C DPR A 95 -12.69 8.31 14.93
O DPR A 95 -13.44 9.28 14.87
N DAL A 96 -11.81 8.02 13.98
CA DAL A 96 -11.57 8.92 12.86
CB DAL A 96 -10.70 8.24 11.81
C DAL A 96 -10.91 10.21 13.35
O DAL A 96 -10.07 10.19 14.25
N DPR A 97 -11.31 11.35 12.77
CA DPR A 97 -10.72 12.67 13.06
CB DPR A 97 -11.44 13.61 12.07
CG DPR A 97 -12.14 12.71 11.09
CD DPR A 97 -12.45 11.46 11.85
C DPR A 97 -9.18 12.78 12.91
O DPR A 97 -8.62 12.50 11.84
N DLY A 98 -8.53 13.17 14.00
CA DLY A 98 -7.12 13.51 13.97
C DLY A 98 -6.99 14.76 13.11
O DLY A 98 -7.80 15.67 13.22
CB DLY A 98 -6.62 13.83 15.40
CG DLY A 98 -6.90 12.75 16.43
CD DLY A 98 -6.19 13.05 17.75
CE DLY A 98 -6.47 12.00 18.80
NZ DLY A 98 -5.76 12.28 20.09
N DAR A 99 -5.98 14.83 12.23
CA DAR A 99 -5.88 16.02 11.39
CB DAR A 99 -6.42 15.77 9.98
CG DAR A 99 -7.95 15.72 9.94
CD DAR A 99 -8.56 15.23 8.63
NE DAR A 99 -8.17 16.05 7.48
CZ DAR A 99 -8.58 17.30 7.25
NH1 DAR A 99 -9.25 17.99 8.16
NH2 DAR A 99 -8.27 17.88 6.10
C DAR A 99 -4.48 16.63 11.39
O DAR A 99 -4.20 17.56 12.15
N DLE B 1 20.88 -18.44 6.59
CA DLE B 1 20.76 -17.61 5.39
CB DLE B 1 20.18 -16.22 5.67
CG DLE B 1 20.99 -15.00 6.11
CD1 DLE B 1 21.94 -14.58 4.98
CD2 DLE B 1 20.05 -13.84 6.46
C DLE B 1 19.90 -18.17 4.30
O DLE B 1 19.60 -19.38 4.27
N DGL B 2 19.52 -17.23 3.43
CA DGL B 2 18.49 -17.36 2.39
C DGL B 2 18.97 -18.18 1.19
O DGL B 2 18.18 -18.60 0.35
CB DGL B 2 17.16 -17.86 2.98
CG DGL B 2 15.92 -17.62 2.09
CD DGL B 2 14.60 -17.85 2.83
OE1 DGL B 2 13.52 -17.66 2.22
OE2 DGL B 2 14.64 -18.18 4.03
N DLY B 3 20.28 -18.38 1.14
CA DLY B 3 20.91 -19.03 0.00
C DLY B 3 21.15 -17.95 -1.06
O DLY B 3 21.32 -18.26 -2.25
CB DLY B 3 22.22 -19.68 0.42
N DHI B 4 21.14 -16.69 -0.62
CA DHI B 4 21.31 -15.56 -1.53
C DHI B 4 20.05 -15.33 -2.35
O DHI B 4 18.95 -15.27 -1.80
CB DHI B 4 21.64 -14.28 -0.78
CG DHI B 4 22.95 -14.30 -0.05
ND1 DHI B 4 23.04 -14.45 1.32
CD2 DHI B 4 24.22 -14.18 -0.51
CE1 DHI B 4 24.30 -14.42 1.68
NE2 DHI B 4 25.05 -14.25 0.59
N DSN B 5 20.23 -15.18 -3.66
CA DSN B 5 19.11 -14.86 -4.54
C DSN B 5 18.33 -13.63 -4.06
O DSN B 5 17.13 -13.55 -4.29
CB DSN B 5 19.60 -14.66 -5.98
OG DSN B 5 20.92 -14.12 -6.01
N DTR B 6 19.00 -12.72 -3.37
CA DTR B 6 18.34 -11.48 -2.96
CB DTR B 6 19.33 -10.30 -2.91
CG DTR B 6 20.66 -10.57 -2.25
CD1 DTR B 6 21.85 -10.81 -2.86
NE1 DTR B 6 22.84 -11.00 -1.93
CE2 DTR B 6 22.29 -10.89 -0.68
CZ2 DTR B 6 22.89 -11.01 0.58
CH2 DTR B 6 22.09 -10.84 1.67
CZ3 DTR B 6 20.72 -10.58 1.54
CE3 DTR B 6 20.13 -10.46 0.30
CD2 DTR B 6 20.93 -10.62 -0.83
C DTR B 6 17.57 -11.55 -1.65
O DTR B 6 16.92 -10.59 -1.25
N DTY B 7 17.63 -12.68 -0.96
CA DTY B 7 16.97 -12.78 0.33
C DTY B 7 15.65 -13.49 0.19
O DTY B 7 15.61 -14.70 0.00
CB DTY B 7 17.82 -13.53 1.35
CG DTY B 7 17.26 -13.36 2.74
CD1 DTY B 7 17.45 -12.18 3.42
CD2 DTY B 7 16.53 -14.36 3.36
CE1 DTY B 7 16.94 -11.99 4.69
CE2 DTY B 7 16.02 -14.18 4.64
CZ DTY B 7 16.22 -12.98 5.30
OH DTY B 7 15.73 -12.74 6.57
N DHI B 8 14.54 -12.76 0.27
CA DHI B 8 13.24 -13.37 0.10
C DHI B 8 12.56 -13.80 1.39
O DHI B 8 11.52 -14.46 1.36
CB DHI B 8 12.28 -12.49 -0.70
CG DHI B 8 12.67 -12.34 -2.14
ND1 DHI B 8 11.74 -12.18 -3.16
CD2 DHI B 8 13.89 -12.33 -2.74
CE1 DHI B 8 12.37 -12.10 -4.31
NE2 DHI B 8 13.67 -12.19 -4.10
N GLY B 9 13.14 -13.45 2.54
CA GLY B 9 12.61 -13.91 3.81
C GLY B 9 11.28 -13.28 4.18
N DPR B 10 10.40 -14.07 4.83
CA DPR B 10 9.12 -13.56 5.32
CB DPR B 10 8.59 -14.71 6.15
CG DPR B 10 9.19 -15.89 5.54
CD DPR B 10 10.55 -15.50 5.06
C DPR B 10 8.17 -13.29 4.18
O DPR B 10 7.49 -14.21 3.71
N DVA B 11 8.13 -12.04 3.76
CA DVA B 11 7.39 -11.63 2.58
CB DVA B 11 8.34 -11.64 1.38
CG1 DVA B 11 8.55 -13.04 0.88
CG2 DVA B 11 7.85 -10.77 0.26
C DVA B 11 6.89 -10.22 2.87
O DVA B 11 7.70 -9.34 3.15
N DSN B 12 5.58 -9.98 2.83
CA DSN B 12 5.03 -8.70 3.30
C DSN B 12 5.45 -7.55 2.42
O DSN B 12 6.01 -7.75 1.35
CB DSN B 12 3.51 -8.72 3.31
OG DSN B 12 3.00 -8.41 2.03
N DAR B 13 5.16 -6.32 2.84
CA DAR B 13 5.51 -5.16 2.03
CB DAR B 13 5.22 -3.86 2.77
CG DAR B 13 5.82 -2.63 2.10
CD DAR B 13 5.48 -1.37 2.86
NE DAR B 13 4.20 -0.76 2.50
CZ DAR B 13 3.85 0.49 2.83
NH1 DAR B 13 4.59 1.21 3.66
NH2 DAR B 13 2.70 0.98 2.40
C DAR B 13 4.78 -5.18 0.71
O DAR B 13 5.39 -4.96 -0.35
N DSG B 14 3.47 -5.42 0.75
CA DSG B 14 2.68 -5.51 -0.47
C DSG B 14 3.26 -6.56 -1.42
O DSG B 14 3.41 -6.33 -2.63
CB DSG B 14 1.23 -5.86 -0.16
CG DSG B 14 0.49 -4.72 0.49
OD1 DSG B 14 0.83 -3.57 0.32
ND2 DSG B 14 -0.57 -5.05 1.22
N DAL B 15 3.57 -7.72 -0.89
CA DAL B 15 4.15 -8.76 -1.70
CB DAL B 15 4.47 -9.95 -0.83
C DAL B 15 5.43 -8.25 -2.35
O DAL B 15 5.65 -8.47 -3.52
N DAL B 16 6.24 -7.53 -1.58
CA DAL B 16 7.49 -6.97 -2.09
CB DAL B 16 8.28 -6.31 -1.00
C DAL B 16 7.19 -6.00 -3.21
O DAL B 16 7.85 -6.02 -4.24
N DGL B 17 6.20 -5.15 -3.01
CA DGL B 17 5.85 -4.21 -4.07
C DGL B 17 5.45 -4.94 -5.34
O DGL B 17 5.89 -4.57 -6.42
CB DGL B 17 4.79 -3.18 -3.61
CG DGL B 17 5.40 -2.12 -2.67
CD DGL B 17 4.39 -1.19 -2.01
OE1 DGL B 17 3.17 -1.42 -2.19
OE2 DGL B 17 4.81 -0.23 -1.31
N DTY B 18 4.67 -6.03 -5.22
CA DTY B 18 4.26 -6.80 -6.39
C DTY B 18 5.44 -7.44 -7.09
O DTY B 18 5.53 -7.38 -8.31
CB DTY B 18 3.28 -7.90 -6.05
CG DTY B 18 2.89 -8.72 -7.28
CD1 DTY B 18 1.94 -8.25 -8.16
CD2 DTY B 18 3.51 -9.93 -7.56
CE1 DTY B 18 1.60 -8.97 -9.28
CE2 DTY B 18 3.16 -10.66 -8.68
CZ DTY B 18 2.21 -10.18 -9.54
OH DTY B 18 1.85 -10.88 -10.67
N DLE B 19 6.33 -8.05 -6.32
CA DLE B 19 7.48 -8.78 -6.88
CB DLE B 19 8.26 -9.43 -5.76
CG DLE B 19 7.48 -10.50 -5.02
CD1 DLE B 19 7.18 -11.63 -5.97
CD2 DLE B 19 8.27 -10.95 -3.82
C DLE B 19 8.41 -7.90 -7.67
O DLE B 19 9.19 -8.40 -8.48
N DLE B 20 8.32 -6.60 -7.42
CA DLE B 20 9.18 -5.60 -8.04
CB DLE B 20 9.77 -4.70 -6.96
CG DLE B 20 10.89 -5.27 -6.12
CD1 DLE B 20 12.17 -5.31 -6.95
CD2 DLE B 20 11.07 -4.41 -4.91
C DLE B 20 8.43 -4.73 -9.01
O DLE B 20 9.00 -3.77 -9.57
N DSN B 21 7.16 -5.03 -9.23
CA DSN B 21 6.35 -4.12 -10.04
C DSN B 21 6.77 -4.14 -11.50
O DSN B 21 6.48 -3.19 -12.23
CB DSN B 21 4.87 -4.42 -9.92
OG DSN B 21 4.59 -5.63 -10.55
N DSN B 22 7.42 -5.19 -11.96
CA DSN B 22 7.90 -5.15 -13.32
C DSN B 22 9.38 -5.54 -13.44
O DSN B 22 9.78 -6.21 -14.39
CB DSN B 22 7.00 -5.89 -14.31
OG DSN B 22 6.91 -7.26 -13.99
N GLY B 23 10.18 -5.07 -12.50
CA GLY B 23 11.61 -5.23 -12.59
C GLY B 23 12.24 -4.10 -13.38
N DIL B 24 13.51 -3.84 -13.11
CA DIL B 24 14.21 -2.71 -13.67
C DIL B 24 14.94 -1.99 -12.57
O DIL B 24 15.04 -2.51 -11.46
CB DIL B 24 15.17 -3.20 -14.73
CG1 DIL B 24 16.15 -4.19 -14.10
CG2 DIL B 24 14.42 -3.82 -15.90
CD1 DIL B 24 17.19 -4.65 -15.06
N DSG B 25 15.47 -0.80 -12.85
CA DSG B 25 16.15 -0.02 -11.82
C DSG B 25 17.23 -0.87 -11.23
O DSG B 25 17.95 -1.51 -11.97
CB DSG B 25 16.72 1.30 -12.34
CG DSG B 25 15.66 2.24 -12.82
OD1 DSG B 25 14.46 1.94 -12.78
ND2 DSG B 25 16.07 3.45 -13.20
N GLY B 26 17.30 -0.91 -9.91
CA GLY B 26 18.28 -1.77 -9.26
C GLY B 26 17.70 -3.09 -8.78
N DSN B 27 16.58 -3.51 -9.35
CA DSN B 27 15.89 -4.68 -8.83
C DSN B 27 15.61 -4.47 -7.35
O DSN B 27 15.14 -3.41 -6.96
CB DSN B 27 14.59 -4.99 -9.60
OG DSN B 27 14.85 -5.49 -10.91
N DPN B 28 15.93 -5.46 -6.52
CA DPN B 28 15.73 -5.33 -5.08
C DPN B 28 15.67 -6.67 -4.40
O DPN B 28 16.03 -7.68 -4.97
CB DPN B 28 16.88 -4.54 -4.46
CG DPN B 28 18.13 -5.35 -4.30
CD1 DPN B 28 18.90 -5.67 -5.42
CD2 DPN B 28 18.51 -5.80 -3.07
CE1 DPN B 28 20.05 -6.42 -5.29
CE2 DPN B 28 19.66 -6.56 -2.94
CZ DPN B 28 20.43 -6.87 -4.05
N DLE B 29 15.24 -6.65 -3.14
CA DLE B 29 15.11 -7.85 -2.34
CB DLE B 29 13.77 -8.53 -2.60
CG DLE B 29 12.46 -7.83 -2.22
CD1 DLE B 29 11.38 -8.17 -3.20
CD2 DLE B 29 11.97 -8.21 -0.85
C DLE B 29 15.19 -7.45 -0.89
O DLE B 29 15.00 -6.28 -0.56
N DVA B 30 15.45 -8.42 -0.02
CA DVA B 30 15.43 -8.18 1.41
CB DVA B 30 16.79 -8.49 2.04
CG1 DVA B 30 17.86 -7.57 1.50
CG2 DVA B 30 16.71 -8.35 3.53
C DVA B 30 14.32 -9.04 1.99
O DVA B 30 14.09 -10.17 1.53
N DAR B 31 13.63 -8.50 3.00
CA DAR B 31 12.47 -9.18 3.55
CB DAR B 31 11.22 -8.64 2.87
CG DAR B 31 11.02 -7.16 3.08
CD DAR B 31 9.85 -6.65 2.23
NE DAR B 31 9.67 -5.21 2.35
CZ DAR B 31 9.00 -4.65 3.34
NH1 DAR B 31 8.90 -3.32 3.39
NH2 DAR B 31 8.41 -5.38 4.28
C DAR B 31 12.36 -8.97 5.05
O DAR B 31 12.75 -7.93 5.57
N DGL B 32 11.87 -9.98 5.78
CA DGL B 32 11.66 -9.84 7.21
C DGL B 32 10.19 -9.72 7.46
O DGL B 32 9.41 -9.44 6.56
CB DGL B 32 12.10 -11.07 7.98
CG DGL B 32 12.63 -12.19 7.15
CD DGL B 32 12.82 -13.44 7.99
OE1 DGL B 32 13.53 -14.37 7.53
OE2 DGL B 32 12.25 -13.49 9.10
N DSN B 33 9.80 -9.93 8.70
CA DSN B 33 8.41 -9.84 9.06
C DSN B 33 8.04 -11.16 9.71
O DSN B 33 8.92 -11.98 9.96
CB DSN B 33 8.15 -8.65 9.99
OG DSN B 33 8.49 -8.97 11.31
N DGL B 34 6.76 -11.37 9.95
CA DGL B 34 6.30 -12.64 10.49
C DGL B 34 6.64 -12.76 11.94
O DGL B 34 6.94 -13.84 12.45
CB DGL B 34 4.79 -12.74 10.35
CG DGL B 34 4.33 -13.30 9.05
CD DGL B 34 2.86 -13.68 9.09
OE1 DGL B 34 2.42 -14.42 8.17
OE2 DGL B 34 2.16 -13.26 10.04
N DSN B 35 6.56 -11.62 12.63
CA DSN B 35 6.95 -11.52 14.02
C DSN B 35 8.45 -11.68 14.18
O DSN B 35 9.03 -12.70 13.78
CB DSN B 35 6.50 -10.16 14.59
OG DSN B 35 6.94 -9.08 13.79
N DSN B 36 9.09 -10.68 14.77
CA DSN B 36 10.55 -10.62 14.88
C DSN B 36 11.24 -10.73 13.50
O DSN B 36 11.05 -9.86 12.64
CB DSN B 36 10.98 -9.35 15.61
OG DSN B 36 12.31 -9.44 16.05
N DPR B 37 12.04 -11.80 13.28
CA DPR B 37 12.79 -11.97 12.04
CB DPR B 37 13.17 -13.47 12.04
CG DPR B 37 12.78 -14.02 13.34
CD DPR B 37 12.13 -12.97 14.17
C DPR B 37 14.06 -11.10 11.97
O DPR B 37 14.82 -11.18 11.00
N GLY B 38 14.28 -10.27 12.99
CA GLY B 38 15.37 -9.31 13.00
C GLY B 38 14.98 -7.99 12.37
N DGN B 39 13.66 -7.74 12.32
CA DGN B 39 13.09 -6.55 11.67
C DGN B 39 13.08 -6.78 10.17
O DGN B 39 12.30 -7.60 9.66
CB DGN B 39 11.66 -6.33 12.15
CG DGN B 39 11.51 -6.32 13.65
CD DGN B 39 10.07 -6.06 14.09
OE1 DGN B 39 9.21 -5.76 13.25
NE2 DGN B 39 9.81 -6.22 15.38
N DAR B 40 13.92 -6.04 9.46
CA DAR B 40 14.10 -6.28 8.04
CB DAR B 40 15.42 -6.98 7.81
CG DAR B 40 15.36 -8.38 8.24
CD DAR B 40 16.73 -8.88 8.40
NE DAR B 40 16.68 -10.26 8.84
CZ DAR B 40 17.72 -10.92 9.33
NH1 DAR B 40 18.88 -10.31 9.54
NH2 DAR B 40 17.57 -12.19 9.66
C DAR B 40 14.12 -5.01 7.26
O DAR B 40 14.37 -3.94 7.79
N DSN B 41 13.84 -5.17 5.96
CA DSN B 41 13.72 -4.03 5.09
C DSN B 41 14.27 -4.40 3.74
O DSN B 41 14.26 -5.57 3.35
CB DSN B 41 12.25 -3.62 4.98
OG DSN B 41 11.78 -3.11 6.21
N DIL B 42 14.79 -3.39 3.05
CA DIL B 42 15.17 -3.52 1.66
C DIL B 42 14.05 -2.93 0.83
O DIL B 42 13.53 -1.87 1.17
CB DIL B 42 16.50 -2.82 1.38
CG1 DIL B 42 17.62 -3.47 2.20
CG2 DIL B 42 16.84 -2.83 -0.07
CD1 DIL B 42 18.89 -2.66 2.27
N DSN B 43 13.67 -3.63 -0.23
CA DSN B 43 12.75 -3.05 -1.19
C DSN B 43 13.48 -2.99 -2.52
O DSN B 43 14.30 -3.85 -2.82
CB DSN B 43 11.46 -3.83 -1.28
OG DSN B 43 10.73 -3.66 -0.08
N DLE B 44 13.19 -1.96 -3.30
CA DLE B 44 14.10 -1.49 -4.32
CB DLE B 44 15.05 -0.51 -3.64
CG DLE B 44 16.05 0.23 -4.51
CD1 DLE B 44 16.95 1.10 -3.65
CD2 DLE B 44 16.83 -0.83 -5.24
C DLE B 44 13.33 -0.77 -5.42
O DLE B 44 12.42 0.00 -5.12
N DAR B 45 13.66 -1.02 -6.69
CA DAR B 45 12.95 -0.35 -7.79
CB DAR B 45 12.51 -1.36 -8.85
CG DAR B 45 11.75 -0.78 -10.04
CD DAR B 45 11.25 -1.92 -10.96
NE DAR B 45 10.76 -1.48 -12.26
CZ DAR B 45 9.49 -1.33 -12.59
NH1 DAR B 45 8.51 -1.56 -11.73
NH2 DAR B 45 9.19 -0.92 -13.82
C DAR B 45 13.83 0.70 -8.42
O DAR B 45 15.01 0.48 -8.67
N DTY B 46 13.24 1.85 -8.69
CA DTY B 46 13.94 2.95 -9.32
C DTY B 46 12.89 3.72 -10.10
O DTY B 46 11.85 4.03 -9.56
CB DTY B 46 14.60 3.84 -8.27
CG DTY B 46 15.23 5.09 -8.82
CD1 DTY B 46 16.42 5.04 -9.54
CD2 DTY B 46 14.64 6.32 -8.65
CE1 DTY B 46 17.00 6.19 -10.05
CE2 DTY B 46 15.21 7.48 -9.15
CZ DTY B 46 16.39 7.41 -9.86
OH DTY B 46 16.95 8.57 -10.35
N DGL B 47 13.19 4.02 -11.36
CA DGL B 47 12.28 4.72 -12.25
C DGL B 47 10.84 4.24 -12.13
O DGL B 47 9.91 5.02 -12.01
CB DGL B 47 12.37 6.22 -12.01
CG DGL B 47 13.72 6.75 -12.37
CD DGL B 47 14.03 6.58 -13.85
OE1 DGL B 47 13.12 6.72 -14.70
OE2 DGL B 47 15.21 6.27 -14.15
N GLY B 48 10.66 2.93 -12.14
CA GLY B 48 9.32 2.38 -12.09
C GLY B 48 8.61 2.46 -10.76
N DAR B 49 9.30 2.93 -9.73
CA DAR B 49 8.66 3.05 -8.44
CB DAR B 49 8.69 4.48 -7.94
CG DAR B 49 8.13 5.49 -8.89
CD DAR B 49 8.18 6.87 -8.26
NE DAR B 49 9.54 7.35 -8.08
CZ DAR B 49 10.25 7.95 -9.01
NH1 DAR B 49 11.45 8.44 -8.70
NH2 DAR B 49 9.80 8.09 -10.25
C DAR B 49 9.36 2.18 -7.40
O DAR B 49 10.55 1.86 -7.55
N DVA B 50 8.64 1.82 -6.35
CA DVA B 50 9.26 1.09 -5.28
CB DVA B 50 8.42 -0.10 -4.87
CG1 DVA B 50 8.69 -1.24 -5.78
CG2 DVA B 50 8.75 -0.50 -3.46
C DVA B 50 9.64 2.00 -4.11
O DVA B 50 8.83 2.85 -3.69
N DTY B 51 10.89 1.83 -3.64
CA DTY B 51 11.36 2.41 -2.41
C DTY B 51 11.72 1.38 -1.33
O DTY B 51 12.40 0.39 -1.62
CB DTY B 51 12.58 3.31 -2.63
CG DTY B 51 12.37 4.55 -3.46
CD1 DTY B 51 12.24 4.50 -4.85
CD2 DTY B 51 12.23 5.78 -2.84
CE1 DTY B 51 12.04 5.68 -5.59
CE2 DTY B 51 12.02 6.94 -3.56
CZ DTY B 51 11.93 6.89 -4.93
OH DTY B 51 11.74 8.09 -5.58
N DHI B 52 11.30 1.64 -0.09
CA DHI B 52 11.58 0.76 1.06
C DHI B 52 12.52 1.40 2.06
O DHI B 52 12.39 2.58 2.39
CB DHI B 52 10.30 0.43 1.81
CG DHI B 52 9.23 -0.17 0.96
ND1 DHI B 52 9.28 -1.46 0.49
CD2 DHI B 52 8.07 0.35 0.49
CE1 DHI B 52 8.20 -1.71 -0.22
NE2 DHI B 52 7.45 -0.63 -0.23
N DTY B 53 13.45 0.62 2.59
CA DTY B 53 14.39 1.11 3.57
C DTY B 53 14.50 0.17 4.75
O DTY B 53 14.79 -1.00 4.58
CB DTY B 53 15.75 1.26 2.92
CG DTY B 53 15.78 2.24 1.77
CD1 DTY B 53 16.07 3.58 2.00
CD2 DTY B 53 15.53 1.83 0.46
CE1 DTY B 53 16.11 4.49 0.97
CE2 DTY B 53 15.57 2.74 -0.59
CZ DTY B 53 15.87 4.08 -0.32
OH DTY B 53 15.91 5.01 -1.33
N DAR B 54 14.28 0.69 5.96
CA DAR B 54 14.42 -0.11 7.17
CB DAR B 54 13.87 0.64 8.37
CG DAR B 54 14.15 -0.05 9.71
CD DAR B 54 13.43 0.67 10.85
NE DAR B 54 13.92 2.03 11.05
CZ DAR B 54 13.27 2.96 11.74
NH1 DAR B 54 13.83 4.17 11.88
NH2 DAR B 54 12.07 2.72 12.24
C DAR B 54 15.88 -0.41 7.43
O DAR B 54 16.71 0.49 7.35
N DIL B 55 16.19 -1.68 7.71
CA DIL B 55 17.51 -2.07 8.18
C DIL B 55 17.55 -1.97 9.70
O DIL B 55 17.08 -2.87 10.41
CB DIL B 55 17.92 -3.46 7.72
CG1 DIL B 55 18.03 -3.51 6.21
CG2 DIL B 55 19.26 -3.84 8.31
CD1 DIL B 55 18.07 -4.93 5.70
N DSG B 56 18.13 -0.87 10.17
CA DSG B 56 18.20 -0.55 11.57
C DSG B 56 19.14 -1.48 12.32
O DSG B 56 20.25 -1.75 11.88
CB DSG B 56 18.69 0.90 11.70
CG DSG B 56 17.70 1.92 11.13
OD1 DSG B 56 16.52 1.91 11.49
ND2 DSG B 56 18.17 2.79 10.23
N DTH B 57 18.69 -1.98 13.47
CA DTH B 57 19.54 -2.79 14.33
CB DTH B 57 19.03 -4.24 14.46
CG2 DTH B 57 19.10 -4.95 13.13
OG1 DTH B 57 17.68 -4.22 14.95
C DTH B 57 19.73 -2.17 15.71
O DTH B 57 18.79 -1.67 16.34
N DCY B 58 20.98 -2.20 16.17
CA DCY B 58 21.29 -1.82 17.53
C DCY B 58 21.38 -3.07 18.39
O DCY B 58 21.74 -4.15 17.90
CB DCY B 58 22.64 -1.07 17.57
SG DCY B 58 22.72 0.46 16.62
N DSN B 59 21.09 -2.94 19.67
CA DSN B 59 21.10 -4.10 20.56
C DSN B 59 22.47 -4.76 20.79
O DSN B 59 22.56 -5.78 21.46
CB DSN B 59 20.40 -3.75 21.89
OG DSN B 59 20.96 -2.58 22.47
N DAS B 60 23.54 -4.21 20.21
CA DAS B 60 24.84 -4.89 20.25
C DAS B 60 25.17 -5.67 18.98
O DAS B 60 26.23 -6.30 18.89
CB DAS B 60 25.97 -3.94 20.67
CG DAS B 60 26.16 -2.77 19.71
OD1 DAS B 60 25.51 -2.74 18.65
OD2 DAS B 60 26.96 -1.89 20.05
N GLY B 61 24.27 -5.61 18.01
CA GLY B 61 24.39 -6.43 16.81
C GLY B 61 24.50 -5.62 15.53
N DLY B 62 24.99 -4.40 15.64
CA DLY B 62 25.16 -3.55 14.46
C DLY B 62 23.88 -3.38 13.63
O DLY B 62 22.77 -3.27 14.16
CB DLY B 62 25.74 -2.17 14.85
CG DLY B 62 27.13 -2.19 15.43
CD DLY B 62 28.14 -2.60 14.38
CE DLY B 62 29.46 -1.86 14.55
NZ DLY B 62 30.53 -2.24 13.58
N DLE B 63 24.04 -3.35 12.31
CA DLE B 63 22.91 -3.13 11.41
CB DLE B 63 22.24 -4.45 11.02
CG DLE B 63 23.03 -5.71 10.65
CD1 DLE B 63 22.26 -6.96 11.03
CD2 DLE B 63 23.31 -5.71 9.16
C DLE B 63 23.31 -2.21 10.23
O DLE B 63 24.43 -2.27 9.73
N DTY B 64 22.39 -1.36 9.81
CA DTY B 64 22.71 -0.20 8.99
C DTY B 64 21.46 0.49 8.40
O DTY B 64 20.38 0.43 9.00
CB DTY B 64 23.58 0.76 9.82
CG DTY B 64 22.89 1.56 10.93
CD1 DTY B 64 21.95 2.55 10.65
CD2 DTY B 64 23.17 1.32 12.27
CE1 DTY B 64 21.34 3.28 11.67
CE2 DTY B 64 22.56 2.03 13.28
CZ DTY B 64 21.65 3.01 12.98
OH DTY B 64 21.06 3.70 14.02
N DVA B 65 21.57 1.10 7.21
CA DVA B 65 20.48 1.94 6.71
CB DVA B 65 20.10 1.69 5.24
CG1 DVA B 65 21.28 1.94 4.35
CG2 DVA B 65 19.57 0.30 5.04
C DVA B 65 20.81 3.40 6.90
O DVA B 65 19.92 4.23 7.06
N DSN B 66 22.09 3.72 6.86
CA DSN B 66 22.56 5.06 7.16
C DSN B 66 23.67 5.02 8.22
O DSN B 66 24.53 4.14 8.18
CB DSN B 66 23.06 5.74 5.90
OG DSN B 66 24.21 5.09 5.41
N DSN B 67 23.63 5.96 9.17
CA DSN B 67 24.46 5.85 10.36
C DSN B 67 25.91 6.29 10.17
O DSN B 67 26.55 6.71 11.13
CB DSN B 67 23.82 6.58 11.55
OG DSN B 67 23.51 7.93 11.25
N DGL B 68 26.41 6.18 8.95
CA DGL B 68 27.84 6.40 8.68
C DGL B 68 28.39 5.11 8.14
O DGL B 68 29.57 5.01 7.80
CB DGL B 68 28.07 7.49 7.62
CG DGL B 68 27.65 8.89 8.01
CD DGL B 68 26.20 9.16 7.66
OE1 DGL B 68 25.51 8.24 7.15
OE2 DGL B 68 25.76 10.32 7.87
N DSN B 69 27.52 4.11 8.04
CA DSN B 69 27.90 2.85 7.44
C DSN B 69 27.28 1.70 8.19
O DSN B 69 26.31 1.10 7.72
CB DSN B 69 27.45 2.83 5.99
OG DSN B 69 27.99 3.96 5.32
N DAR B 70 27.85 1.38 9.34
CA DAR B 70 27.38 0.25 10.11
CB DAR B 70 27.63 0.49 11.61
CG DAR B 70 26.68 1.48 12.25
CD DAR B 70 27.22 2.90 12.36
NE DAR B 70 26.15 3.84 12.69
CZ DAR B 70 25.48 3.81 13.83
NH1 DAR B 70 24.57 4.76 14.07
NH2 DAR B 70 25.68 2.85 14.73
C DAR B 70 28.07 -1.04 9.69
O DAR B 70 29.20 -1.01 9.20
N DPN B 71 27.39 -2.16 9.90
CA DPN B 71 27.96 -3.48 9.60
C DPN B 71 27.56 -4.52 10.62
O DPN B 71 26.58 -4.36 11.35
CB DPN B 71 27.56 -3.94 8.20
CG DPN B 71 28.03 -3.02 7.11
CD1 DPN B 71 29.33 -3.12 6.64
CD2 DPN B 71 27.19 -2.05 6.61
CE1 DPN B 71 29.76 -2.27 5.66
CE2 DPN B 71 27.62 -1.19 5.64
CZ DPN B 71 28.91 -1.30 5.16
N DSG B 72 28.32 -5.61 10.65
CA DSG B 72 28.04 -6.67 11.61
C DSG B 72 27.26 -7.82 10.97
O DSG B 72 26.51 -8.51 11.66
CB DSG B 72 29.38 -7.14 12.19
CG DSG B 72 30.03 -6.07 13.03
OD1 DSG B 72 29.43 -5.55 13.97
ND2 DSG B 72 31.23 -5.67 12.63
N DTH B 73 27.44 -7.99 9.66
CA DTH B 73 26.69 -8.99 8.91
CB DTH B 73 27.62 -10.13 8.36
CG2 DTH B 73 28.99 -9.62 8.03
OG1 DTH B 73 27.07 -10.70 7.18
C DTH B 73 25.87 -8.39 7.79
O DTH B 73 26.32 -7.48 7.10
N DLE B 74 24.67 -8.91 7.61
CA DLE B 74 23.77 -8.48 6.55
CB DLE B 74 22.48 -9.29 6.64
CG DLE B 74 21.45 -8.99 5.59
CD1 DLE B 74 20.29 -9.91 5.85
CD2 DLE B 74 21.05 -7.54 5.64
C DLE B 74 24.36 -8.57 5.13
O DLE B 74 24.24 -7.63 4.35
N DAL B 75 24.97 -9.70 4.80
CA DAL B 75 25.58 -9.88 3.50
CB DAL B 75 26.26 -11.23 3.41
C DAL B 75 26.59 -8.76 3.19
O DAL B 75 26.73 -8.34 2.04
N DGL B 76 27.27 -8.29 4.23
CA DGL B 76 28.12 -7.10 4.11
C DGL B 76 27.35 -5.86 3.72
O DGL B 76 27.77 -5.12 2.83
CB DGL B 76 28.84 -6.79 5.43
CG DGL B 76 30.14 -7.51 5.67
CD DGL B 76 30.74 -7.15 7.03
OE1 DGL B 76 31.85 -7.61 7.35
OE2 DGL B 76 30.07 -6.39 7.78
N DLE B 77 26.23 -5.61 4.40
CA DLE B 77 25.45 -4.42 4.14
CB DLE B 77 24.29 -4.31 5.13
CG DLE B 77 23.43 -3.05 5.14
CD1 DLE B 77 22.26 -3.19 4.21
CD2 DLE B 77 22.92 -2.80 6.54
C DLE B 77 24.94 -4.39 2.71
O DLE B 77 24.80 -3.31 2.12
N DVA B 78 24.66 -5.56 2.16
CA DVA B 78 24.19 -5.64 0.78
CB DVA B 78 23.40 -6.92 0.53
CG1 DVA B 78 22.14 -6.89 1.35
CG2 DVA B 78 23.07 -7.02 -0.93
C DVA B 78 25.32 -5.49 -0.22
O DVA B 78 25.18 -4.77 -1.20
N DHI B 79 26.44 -6.17 0.03
CA DHI B 79 27.59 -6.07 -0.84
C DHI B 79 28.06 -4.61 -0.94
O DHI B 79 28.49 -4.16 -1.99
CB DHI B 79 28.76 -6.96 -0.39
CG DHI B 79 29.96 -6.85 -1.27
ND1 DHI B 79 30.01 -7.43 -2.53
CD2 DHI B 79 31.16 -6.23 -1.09
CE1 DHI B 79 31.19 -7.18 -3.08
NE2 DHI B 79 31.90 -6.45 -2.23
N DHI B 80 27.94 -3.90 0.18
CA DHI B 80 28.31 -2.49 0.22
C DHI B 80 27.36 -1.61 -0.59
O DHI B 80 27.80 -0.80 -1.40
CB DHI B 80 28.38 -1.99 1.67
CG DHI B 80 28.60 -0.51 1.78
ND1 DHI B 80 29.81 0.07 1.49
CD2 DHI B 80 27.76 0.48 2.13
CE1 DHI B 80 29.71 1.38 1.67
NE2 DHI B 80 28.48 1.66 2.06
N DHI B 81 26.06 -1.76 -0.37
CA DHI B 81 25.10 -0.95 -1.10
C DHI B 81 24.83 -1.45 -2.50
O DHI B 81 24.04 -0.86 -3.23
CB DHI B 81 23.80 -0.83 -0.32
CG DHI B 81 23.92 0.01 0.91
ND1 DHI B 81 23.87 1.38 0.87
CD2 DHI B 81 24.11 -0.33 2.20
CE1 DHI B 81 24.02 1.86 2.09
NE2 DHI B 81 24.17 0.85 2.92
N DSN B 82 25.48 -2.54 -2.88
CA DSN B 82 25.37 -3.00 -4.25
C DSN B 82 26.44 -2.33 -5.09
O DSN B 82 26.43 -2.43 -6.32
CB DSN B 82 25.51 -4.51 -4.32
OG DSN B 82 26.78 -4.90 -3.87
N DTH B 83 27.35 -1.64 -4.41
CA DTH B 83 28.39 -0.86 -5.08
CB DTH B 83 29.81 -1.35 -4.71
CG2 DTH B 83 29.92 -1.79 -3.26
OG1 DTH B 83 30.78 -0.33 -4.98
C DTH B 83 28.24 0.68 -5.01
O DTH B 83 28.30 1.35 -6.03
N DVA B 84 28.04 1.23 -3.82
CA DVA B 84 27.68 2.64 -3.72
CB DVA B 84 28.73 3.47 -3.00
CG1 DVA B 84 29.01 2.89 -1.62
CG2 DVA B 84 29.98 3.56 -3.86
C DVA B 84 26.33 2.83 -3.06
O DVA B 84 26.02 2.18 -2.05
N DAL B 85 25.52 3.73 -3.61
CA DAL B 85 24.16 3.94 -3.14
CB DAL B 85 23.46 5.00 -3.96
C DAL B 85 24.15 4.31 -1.66
O DAL B 85 23.42 3.70 -0.89
N DAS B 86 24.97 5.30 -1.28
CA DAS B 86 25.18 5.68 0.12
C DAS B 86 23.88 5.83 0.93
O DAS B 86 23.75 5.27 2.02
CB DAS B 86 26.11 4.68 0.82
CG DAS B 86 26.60 5.16 2.18
OD1 DAS B 86 27.24 4.36 2.89
OD2 DAS B 86 26.34 6.34 2.54
N GLY B 87 22.92 6.56 0.38
CA GLY B 87 21.70 6.79 1.12
C GLY B 87 20.49 6.22 0.40
N DLE B 88 20.67 5.06 -0.23
CA DLE B 88 19.62 4.51 -1.09
CB DLE B 88 19.96 3.07 -1.50
CG DLE B 88 20.20 2.13 -0.32
CD1 DLE B 88 19.03 2.17 0.65
CD2 DLE B 88 20.45 0.72 -0.79
C DLE B 88 19.47 5.41 -2.32
O DLE B 88 20.25 6.31 -2.55
N DIL B 89 18.45 5.16 -3.13
CA DIL B 89 18.27 5.97 -4.32
C DIL B 89 19.02 5.39 -5.55
O DIL B 89 19.27 6.10 -6.50
CB DIL B 89 16.77 6.30 -4.52
CG1 DIL B 89 16.57 7.45 -5.50
CG2 DIL B 89 15.99 5.09 -4.91
CD1 DIL B 89 15.11 7.80 -5.64
N DTH B 90 19.42 4.12 -5.49
CA DTH B 90 20.24 3.47 -6.52
CB DTH B 90 19.39 2.89 -7.65
CG2 DTH B 90 20.19 1.98 -8.61
OG1 DTH B 90 18.85 3.96 -8.41
C DTH B 90 20.97 2.31 -5.87
O DTH B 90 20.44 1.72 -4.93
N DTH B 91 22.15 1.97 -6.35
CA DTH B 91 22.83 0.76 -5.90
CB DTH B 91 24.16 0.60 -6.62
CG2 DTH B 91 25.07 1.79 -6.30
OG1 DTH B 91 23.93 0.55 -8.04
C DTH B 91 21.98 -0.50 -6.11
O DTH B 91 21.38 -0.70 -7.16
N DLE B 92 21.93 -1.35 -5.07
CA DLE B 92 21.25 -2.63 -5.15
CB DLE B 92 21.36 -3.32 -3.80
CG DLE B 92 20.78 -2.52 -2.65
CD1 DLE B 92 19.32 -2.27 -2.90
CD2 DLE B 92 20.95 -3.23 -1.34
C DLE B 92 21.93 -3.50 -6.19
O DLE B 92 23.01 -4.01 -5.95
N DHI B 93 21.32 -3.67 -7.35
CA DHI B 93 22.00 -4.29 -8.47
C DHI B 93 21.51 -5.70 -8.74
O DHI B 93 22.29 -6.63 -8.73
CB DHI B 93 21.76 -3.47 -9.73
CG DHI B 93 22.92 -3.48 -10.69
ND1 DHI B 93 23.51 -4.63 -11.15
CD2 DHI B 93 23.52 -2.46 -11.37
CE1 DHI B 93 24.46 -4.34 -12.00
NE2 DHI B 93 24.48 -3.03 -12.16
N DTY B 94 20.21 -5.84 -9.01
CA DTY B 94 19.61 -7.08 -9.51
C DTY B 94 18.62 -7.71 -8.55
O DTY B 94 17.54 -7.16 -8.33
CB DTY B 94 18.88 -6.83 -10.83
CG DTY B 94 19.75 -6.13 -11.84
CD1 DTY B 94 20.79 -6.80 -12.43
CD2 DTY B 94 19.53 -4.81 -12.19
CE1 DTY B 94 21.61 -6.19 -13.34
CE2 DTY B 94 20.36 -4.18 -13.12
CZ DTY B 94 21.40 -4.89 -13.68
OH DTY B 94 22.25 -4.32 -14.61
N DPR B 95 18.97 -8.87 -7.99
CA DPR B 95 18.03 -9.55 -7.12
CB DPR B 95 18.78 -10.80 -6.70
CG DPR B 95 20.20 -10.44 -6.82
CD DPR B 95 20.26 -9.56 -8.04
C DPR B 95 16.79 -9.90 -7.90
O DPR B 95 16.88 -10.45 -8.99
N DAL B 96 15.64 -9.54 -7.34
CA DAL B 96 14.34 -9.87 -7.91
CB DAL B 96 13.26 -9.20 -7.10
C DAL B 96 14.14 -11.37 -7.93
O DAL B 96 14.52 -12.06 -6.99
N DPR B 97 13.54 -11.88 -9.00
CA DPR B 97 13.27 -13.32 -8.96
CB DPR B 97 12.73 -13.64 -10.36
CG DPR B 97 12.45 -12.30 -10.98
CD DPR B 97 13.39 -11.34 -10.36
C DPR B 97 12.27 -13.69 -7.86
O DPR B 97 11.28 -13.01 -7.66
N DLY B 98 12.57 -14.77 -7.16
CA DLY B 98 11.68 -15.37 -6.19
C DLY B 98 10.57 -16.11 -6.92
O DLY B 98 10.78 -16.67 -8.00
CB DLY B 98 12.46 -16.35 -5.33
CG DLY B 98 13.66 -15.74 -4.62
CD DLY B 98 14.28 -16.72 -3.62
CE DLY B 98 15.49 -16.08 -2.96
NZ DLY B 98 16.15 -16.99 -1.99
N DAR B 99 9.39 -16.14 -6.32
CA DAR B 99 8.22 -16.74 -6.94
CB DAR B 99 7.48 -15.67 -7.76
CG DAR B 99 8.15 -15.49 -9.12
CD DAR B 99 7.90 -14.20 -9.88
NE DAR B 99 6.52 -13.81 -10.11
CZ DAR B 99 5.66 -14.47 -10.89
NH1 DAR B 99 4.50 -13.89 -11.20
NH2 DAR B 99 5.92 -15.68 -11.35
C DAR B 99 7.30 -17.51 -5.98
O DAR B 99 7.27 -18.75 -6.00
N MET C 3 0.29 3.48 -17.42
CA MET C 3 0.33 3.72 -15.97
C MET C 3 0.98 2.54 -15.25
N ALA C 4 0.53 2.26 -14.01
CA ALA C 4 1.20 1.26 -13.18
C ALA C 4 0.36 0.88 -11.96
N ALA C 5 1.05 0.41 -10.90
CA ALA C 5 0.41 -0.15 -9.70
C ALA C 5 -0.42 -1.40 -10.05
N SER C 6 0.29 -2.36 -10.63
CA SER C 6 -0.33 -3.61 -11.07
C SER C 6 -0.88 -4.42 -9.90
N SER C 7 -2.07 -4.97 -10.11
CA SER C 7 -2.96 -5.53 -9.09
C SER C 7 -2.79 -7.03 -8.90
N VAL C 8 -3.52 -7.55 -7.92
CA VAL C 8 -3.61 -8.96 -7.56
C VAL C 8 -5.07 -9.24 -7.24
N PRO C 9 -5.78 -10.08 -8.00
CA PRO C 9 -5.40 -10.87 -9.19
C PRO C 9 -4.91 -10.07 -10.37
N THR C 10 -4.23 -10.76 -11.29
CA THR C 10 -3.70 -10.13 -12.48
C THR C 10 -4.78 -9.98 -13.54
N LYS C 11 -5.67 -10.96 -13.67
CA LYS C 11 -6.67 -10.93 -14.70
C LYS C 11 -7.94 -11.63 -14.24
N LEU C 12 -9.08 -11.08 -14.67
CA LEU C 12 -10.42 -11.61 -14.41
C LEU C 12 -11.05 -12.06 -15.71
N GLU C 13 -11.50 -13.31 -15.76
CA GLU C 13 -12.27 -13.78 -16.90
C GLU C 13 -13.64 -14.14 -16.38
N VAL C 14 -14.65 -13.61 -17.04
CA VAL C 14 -16.03 -14.00 -16.81
C VAL C 14 -16.48 -14.97 -17.88
N VAL C 15 -16.91 -16.15 -17.45
CA VAL C 15 -17.64 -17.08 -18.29
C VAL C 15 -19.10 -16.95 -17.86
N ALA C 16 -20.00 -16.93 -18.82
CA ALA C 16 -21.41 -16.82 -18.49
C ALA C 16 -22.09 -18.15 -18.75
N ALA C 17 -22.85 -18.58 -17.77
CA ALA C 17 -23.76 -19.70 -17.95
C ALA C 17 -25.04 -19.13 -17.40
N THR C 18 -26.13 -19.34 -18.13
CA THR C 18 -27.41 -18.69 -17.85
C THR C 18 -27.35 -17.16 -17.97
N PRO C 19 -28.40 -16.54 -18.51
CA PRO C 19 -28.45 -15.07 -18.58
C PRO C 19 -28.41 -14.40 -17.23
N THR C 20 -28.53 -15.17 -16.14
CA THR C 20 -28.64 -14.60 -14.81
C THR C 20 -27.50 -15.03 -13.90
N SER C 21 -26.49 -15.73 -14.43
CA SER C 21 -25.49 -16.38 -13.60
C SER C 21 -24.12 -16.25 -14.25
N LEU C 22 -23.09 -16.02 -13.43
CA LEU C 22 -21.73 -15.83 -13.90
C LEU C 22 -20.73 -16.68 -13.14
N LEU C 23 -19.77 -17.22 -13.88
CA LEU C 23 -18.60 -17.89 -13.33
C LEU C 23 -17.40 -16.98 -13.57
N ILE C 24 -16.63 -16.68 -12.53
CA ILE C 24 -15.46 -15.82 -12.74
C ILE C 24 -14.23 -16.56 -12.23
N SER C 25 -13.16 -16.49 -13.02
CA SER C 25 -11.89 -17.13 -12.75
C SER C 25 -10.78 -16.09 -12.71
N TRP C 26 -9.67 -16.41 -12.02
CA TRP C 26 -8.46 -15.60 -12.06
C TRP C 26 -7.25 -16.52 -11.87
N ASP C 27 -6.06 -15.94 -11.92
CA ASP C 27 -4.82 -16.72 -11.90
CA ASP C 27 -4.79 -16.67 -11.91
C ASP C 27 -4.26 -16.80 -10.49
N ALA C 28 -3.76 -17.97 -10.13
CA ALA C 28 -3.02 -18.14 -8.89
C ALA C 28 -2.00 -17.02 -8.74
N PRO C 29 -2.13 -16.17 -7.74
CA PRO C 29 -1.18 -15.08 -7.56
C PRO C 29 0.20 -15.63 -7.24
N ALA C 30 1.23 -14.86 -7.61
CA ALA C 30 2.57 -15.26 -7.25
C ALA C 30 2.94 -14.91 -5.82
N VAL C 31 1.99 -14.42 -5.01
CA VAL C 31 2.23 -14.02 -3.64
C VAL C 31 1.10 -14.52 -2.75
N THR C 32 1.37 -14.54 -1.45
CA THR C 32 0.46 -15.17 -0.50
C THR C 32 -0.82 -14.36 -0.31
N VAL C 33 -1.97 -15.04 -0.20
CA VAL C 33 -3.30 -14.43 -0.09
C VAL C 33 -4.14 -15.21 0.91
N ASP C 34 -4.67 -14.56 1.96
CA ASP C 34 -5.64 -15.25 2.82
C ASP C 34 -6.92 -15.63 2.11
N HIS C 35 -7.65 -14.61 1.71
CA HIS C 35 -8.96 -14.78 1.13
C HIS C 35 -9.14 -13.66 0.15
N TYR C 36 -10.15 -13.78 -0.71
CA TYR C 36 -10.49 -12.63 -1.52
C TYR C 36 -11.89 -12.19 -1.14
N VAL C 37 -12.22 -10.93 -1.41
CA VAL C 37 -13.58 -10.44 -1.31
C VAL C 37 -14.00 -10.07 -2.71
N ILE C 38 -15.16 -10.58 -3.14
CA ILE C 38 -15.74 -10.24 -4.43
C ILE C 38 -16.93 -9.33 -4.20
N THR C 39 -17.02 -8.27 -4.99
CA THR C 39 -18.03 -7.23 -4.84
C THR C 39 -18.71 -6.99 -6.18
N TYR C 40 -20.03 -6.88 -6.14
CA TYR C 40 -20.74 -6.70 -7.40
C TYR C 40 -22.02 -5.94 -7.12
N GLY C 41 -22.36 -5.04 -8.04
CA GLY C 41 -23.60 -4.29 -7.97
C GLY C 41 -23.79 -3.72 -9.35
N GLU C 42 -25.00 -3.21 -9.60
CA GLU C 42 -25.25 -2.63 -10.92
C GLU C 42 -24.28 -1.50 -11.12
N THR C 43 -23.48 -1.60 -12.18
CA THR C 43 -22.60 -0.50 -12.49
C THR C 43 -23.46 0.69 -12.85
N GLY C 44 -23.33 1.77 -12.10
CA GLY C 44 -24.27 2.86 -12.23
C GLY C 44 -25.11 3.06 -10.99
N GLY C 45 -24.56 2.70 -9.83
CA GLY C 45 -25.13 3.06 -8.54
C GLY C 45 -26.45 2.46 -8.11
N GLY C 46 -27.21 1.89 -9.04
CA GLY C 46 -28.57 1.47 -8.76
C GLY C 46 -28.66 0.35 -7.75
N GLY C 47 -28.84 -0.89 -8.22
CA GLY C 47 -28.98 -2.02 -7.31
C GLY C 47 -27.83 -2.07 -6.32
N GLY C 48 -28.14 -1.92 -5.03
CA GLY C 48 -27.12 -1.85 -4.00
C GLY C 48 -26.06 -2.93 -4.12
N SER C 49 -24.83 -2.60 -3.76
CA SER C 49 -23.71 -3.52 -3.87
C SER C 49 -23.88 -4.72 -2.93
N GLN C 50 -23.43 -5.90 -3.38
CA GLN C 50 -23.34 -7.09 -2.54
C GLN C 50 -21.94 -7.68 -2.60
N GLU C 51 -21.60 -8.50 -1.60
CA GLU C 51 -20.25 -9.03 -1.54
C GLU C 51 -20.24 -10.38 -0.85
N PHE C 52 -19.13 -11.09 -1.04
CA PHE C 52 -18.91 -12.38 -0.42
C PHE C 52 -17.42 -12.70 -0.53
N GLU C 53 -16.99 -13.70 0.25
CA GLU C 53 -15.58 -14.02 0.50
C GLU C 53 -15.25 -15.41 -0.05
N VAL C 54 -13.99 -15.60 -0.45
CA VAL C 54 -13.51 -16.83 -1.08
C VAL C 54 -12.16 -17.23 -0.49
N PRO C 55 -11.93 -18.50 -0.17
CA PRO C 55 -10.65 -18.89 0.44
C PRO C 55 -9.48 -18.52 -0.46
N GLY C 56 -8.37 -18.15 0.16
CA GLY C 56 -7.21 -17.73 -0.61
C GLY C 56 -6.65 -18.82 -1.48
N SER C 57 -6.96 -20.08 -1.17
CA SER C 57 -6.53 -21.21 -1.99
C SER C 57 -7.34 -21.40 -3.26
N LYS C 58 -8.43 -20.67 -3.45
CA LYS C 58 -9.33 -20.86 -4.59
C LYS C 58 -9.15 -19.75 -5.62
N SER C 59 -9.39 -20.05 -6.90
CA SER C 59 -9.26 -19.06 -7.96
C SER C 59 -10.50 -19.00 -8.84
N THR C 60 -11.67 -19.22 -8.22
CA THR C 60 -12.96 -19.30 -8.90
C THR C 60 -14.09 -18.95 -7.94
N ALA C 61 -15.05 -18.20 -8.45
CA ALA C 61 -16.26 -17.91 -7.72
C ALA C 61 -17.42 -17.95 -8.71
N THR C 62 -18.63 -18.05 -8.18
CA THR C 62 -19.79 -18.04 -9.05
C THR C 62 -20.86 -17.13 -8.45
N ILE C 63 -21.39 -16.24 -9.28
CA ILE C 63 -22.39 -15.26 -8.91
C ILE C 63 -23.71 -15.63 -9.56
N SER C 64 -24.80 -15.49 -8.81
CA SER C 64 -26.13 -15.90 -9.26
C SER C 64 -27.13 -14.77 -9.05
N GLY C 65 -28.30 -14.91 -9.67
CA GLY C 65 -29.37 -14.01 -9.30
C GLY C 65 -29.17 -12.59 -9.78
N LEU C 66 -28.61 -12.42 -10.96
CA LEU C 66 -28.44 -11.11 -11.58
C LEU C 66 -29.69 -10.73 -12.38
N LYS C 67 -29.89 -9.43 -12.53
CA LYS C 67 -30.98 -8.96 -13.38
C LYS C 67 -30.52 -8.98 -14.83
N PRO C 68 -31.32 -9.54 -15.74
CA PRO C 68 -30.85 -9.77 -17.11
C PRO C 68 -30.70 -8.49 -17.91
N GLY C 69 -29.79 -8.54 -18.88
CA GLY C 69 -29.56 -7.39 -19.76
C GLY C 69 -29.06 -6.16 -19.06
N VAL C 70 -28.33 -6.34 -17.96
CA VAL C 70 -27.88 -5.23 -17.12
C VAL C 70 -26.36 -5.19 -17.11
N ASP C 71 -25.83 -3.97 -17.03
CA ASP C 71 -24.40 -3.75 -16.85
C ASP C 71 -24.06 -3.89 -15.38
N TYR C 72 -23.24 -4.87 -15.06
CA TYR C 72 -22.73 -5.07 -13.71
C TYR C 72 -21.25 -4.78 -13.67
N THR C 73 -20.77 -4.45 -12.47
CA THR C 73 -19.35 -4.22 -12.25
C THR C 73 -18.89 -5.13 -11.10
N ILE C 74 -18.06 -6.12 -11.43
CA ILE C 74 -17.47 -7.04 -10.46
C ILE C 74 -16.10 -6.51 -10.10
N THR C 75 -15.76 -6.62 -8.84
CA THR C 75 -14.45 -6.22 -8.36
C THR C 75 -13.98 -7.16 -7.27
N VAL C 76 -12.70 -7.50 -7.29
CA VAL C 76 -12.11 -8.56 -6.46
C VAL C 76 -10.93 -7.98 -5.67
N TYR C 77 -10.94 -8.17 -4.35
CA TYR C 77 -9.83 -7.72 -3.53
C TYR C 77 -9.10 -8.93 -2.99
N ALA C 78 -7.78 -8.96 -3.11
CA ALA C 78 -6.97 -10.01 -2.54
C ALA C 78 -6.40 -9.53 -1.20
N TYR C 79 -6.94 -10.04 -0.09
CA TYR C 79 -6.42 -9.75 1.25
C TYR C 79 -5.32 -10.71 1.65
N GLU C 80 -4.28 -10.14 2.27
CA GLU C 80 -3.23 -10.88 2.94
C GLU C 80 -3.43 -10.71 4.44
N PHE C 81 -2.79 -11.58 5.22
CA PHE C 81 -2.72 -11.39 6.67
C PHE C 81 -1.27 -11.63 7.05
N TYR C 82 -0.43 -10.60 6.92
CA TYR C 82 0.97 -10.72 7.27
C TYR C 82 1.17 -9.98 8.58
N SER C 83 2.43 -9.92 9.03
CA SER C 83 2.78 -9.74 10.44
C SER C 83 1.70 -8.98 11.23
N GLY C 84 0.61 -9.70 11.51
CA GLY C 84 -0.45 -9.24 12.38
C GLY C 84 -1.60 -8.50 11.73
N GLU C 85 -1.52 -8.19 10.44
CA GLU C 85 -2.42 -7.21 9.85
C GLU C 85 -3.05 -7.71 8.55
N TYR C 86 -4.33 -7.37 8.39
CA TYR C 86 -5.06 -7.55 7.14
C TYR C 86 -4.89 -6.32 6.26
N SER C 87 -4.44 -6.54 5.03
CA SER C 87 -4.25 -5.49 4.03
C SER C 87 -4.44 -6.10 2.65
N HIS C 88 -5.14 -5.41 1.76
CA HIS C 88 -5.42 -5.98 0.43
C HIS C 88 -4.53 -5.37 -0.63
N PHE C 89 -4.26 -6.13 -1.69
CA PHE C 89 -3.42 -5.54 -2.72
C PHE C 89 -4.29 -4.65 -3.58
N SER C 90 -3.70 -4.05 -4.61
CA SER C 90 -4.46 -3.27 -5.55
C SER C 90 -5.56 -4.14 -6.13
N PRO C 91 -6.82 -3.74 -6.04
CA PRO C 91 -7.91 -4.59 -6.52
C PRO C 91 -7.97 -4.56 -8.04
N ILE C 92 -8.89 -5.34 -8.60
CA ILE C 92 -9.06 -5.46 -10.05
C ILE C 92 -10.56 -5.51 -10.36
N SER C 93 -10.98 -4.81 -11.42
CA SER C 93 -12.39 -4.80 -11.80
C SER C 93 -12.60 -5.16 -13.26
N ILE C 94 -13.85 -5.56 -13.56
CA ILE C 94 -14.34 -5.66 -14.92
C ILE C 94 -15.82 -5.33 -14.96
N ASN C 95 -16.26 -4.90 -16.15
CA ASN C 95 -17.66 -4.70 -16.41
C ASN C 95 -18.15 -5.89 -17.21
N TYR C 96 -19.39 -6.27 -16.99
CA TYR C 96 -20.01 -7.35 -17.73
C TYR C 96 -21.47 -6.99 -17.95
N ARG C 97 -21.95 -7.14 -19.20
CA ARG C 97 -23.36 -6.94 -19.51
C ARG C 97 -24.04 -8.29 -19.64
N THR C 98 -24.84 -8.65 -18.65
CA THR C 98 -25.59 -9.90 -18.62
C THR C 98 -26.63 -9.97 -19.74
N SER D 6 -9.08 8.10 -3.65
CA SER D 6 -8.36 7.68 -2.46
C SER D 6 -6.89 7.99 -2.66
N SER D 7 -6.63 9.06 -3.41
CA SER D 7 -5.31 9.45 -3.88
C SER D 7 -4.69 10.55 -3.01
N VAL D 8 -3.38 10.76 -3.18
CA VAL D 8 -2.62 11.82 -2.54
C VAL D 8 -1.52 12.32 -3.46
N PRO D 9 -1.52 13.58 -3.92
CA PRO D 9 -2.46 14.68 -3.68
C PRO D 9 -3.85 14.36 -4.15
N THR D 10 -4.82 15.12 -3.69
CA THR D 10 -6.19 14.86 -4.06
C THR D 10 -6.55 15.44 -5.42
N LYS D 11 -5.99 16.59 -5.78
CA LYS D 11 -6.33 17.21 -7.06
C LYS D 11 -5.08 17.79 -7.68
N LEU D 12 -4.87 17.52 -8.98
CA LEU D 12 -3.74 18.00 -9.75
C LEU D 12 -4.22 18.75 -10.99
N GLU D 13 -3.90 20.02 -11.08
CA GLU D 13 -4.27 20.81 -12.25
C GLU D 13 -3.07 21.57 -12.82
N VAL D 14 -3.19 21.92 -14.09
CA VAL D 14 -2.27 22.84 -14.74
C VAL D 14 -2.88 24.22 -14.61
N VAL D 15 -2.15 25.17 -14.03
CA VAL D 15 -2.64 26.54 -13.85
C VAL D 15 -2.15 27.46 -14.96
N ALA D 16 -0.84 27.53 -15.18
CA ALA D 16 -0.25 28.33 -16.24
C ALA D 16 0.37 27.42 -17.31
N ALA D 17 0.26 27.82 -18.55
CA ALA D 17 0.89 27.12 -19.66
C ALA D 17 1.66 28.09 -20.54
N THR D 18 2.65 27.55 -21.23
CA THR D 18 3.61 28.25 -22.07
C THR D 18 4.02 27.28 -23.16
N PRO D 19 4.42 27.76 -24.34
CA PRO D 19 4.71 26.82 -25.44
C PRO D 19 5.69 25.71 -25.10
N THR D 20 6.57 25.94 -24.13
CA THR D 20 7.58 24.95 -23.81
C THR D 20 7.53 24.51 -22.35
N SER D 21 6.53 24.97 -21.59
CA SER D 21 6.51 24.78 -20.14
C SER D 21 5.08 24.70 -19.60
N LEU D 22 4.92 23.99 -18.49
CA LEU D 22 3.65 23.91 -17.77
C LEU D 22 3.86 24.24 -16.30
N LEU D 23 2.90 24.97 -15.73
CA LEU D 23 2.85 25.26 -14.31
C LEU D 23 1.73 24.46 -13.69
N ILE D 24 2.04 23.67 -12.67
CA ILE D 24 1.06 22.78 -12.04
C ILE D 24 0.96 23.07 -10.56
N SER D 25 -0.27 23.04 -10.06
CA SER D 25 -0.59 23.20 -8.66
C SER D 25 -1.30 21.94 -8.19
N TRP D 26 -1.27 21.69 -6.88
CA TRP D 26 -2.09 20.61 -6.34
C TRP D 26 -2.50 20.95 -4.91
N ASP D 27 -3.08 19.96 -4.25
CA ASP D 27 -3.74 20.15 -2.96
C ASP D 27 -2.92 19.51 -1.87
N ALA D 28 -2.49 20.36 -0.94
CA ALA D 28 -1.82 19.96 0.28
C ALA D 28 -2.60 18.84 0.94
N PRO D 29 -2.03 17.65 1.00
CA PRO D 29 -2.69 16.56 1.73
C PRO D 29 -2.76 16.91 3.21
N ALA D 30 -3.80 16.41 3.86
CA ALA D 30 -3.98 16.66 5.28
C ALA D 30 -3.09 15.82 6.16
N VAL D 31 -2.10 15.11 5.58
CA VAL D 31 -1.21 14.24 6.34
C VAL D 31 0.21 14.53 5.91
N THR D 32 1.14 14.00 6.69
CA THR D 32 2.54 14.35 6.53
C THR D 32 3.13 13.74 5.26
N VAL D 33 3.95 14.52 4.56
CA VAL D 33 4.53 14.16 3.26
C VAL D 33 5.98 14.63 3.23
N ASP D 34 6.93 13.72 3.03
CA ASP D 34 8.34 14.05 2.92
C ASP D 34 8.63 14.92 1.70
N HIS D 35 8.45 14.34 0.51
CA HIS D 35 8.70 15.04 -0.74
C HIS D 35 7.73 14.54 -1.79
N TYR D 36 7.67 15.26 -2.90
CA TYR D 36 6.95 14.73 -4.04
C TYR D 36 7.96 14.46 -5.15
N VAL D 37 7.62 13.52 -6.01
CA VAL D 37 8.34 13.31 -7.25
C VAL D 37 7.37 13.66 -8.35
N ILE D 38 7.78 14.53 -9.27
CA ILE D 38 6.95 14.91 -10.40
C ILE D 38 7.51 14.22 -11.62
N THR D 39 6.62 13.57 -12.36
CA THR D 39 6.97 12.69 -13.47
C THR D 39 6.20 13.11 -14.71
N TYR D 40 6.87 13.08 -15.84
CA TYR D 40 6.23 13.63 -17.02
C TYR D 40 6.87 12.99 -18.24
N GLY D 41 6.05 12.63 -19.21
CA GLY D 41 6.54 12.10 -20.45
C GLY D 41 5.44 12.15 -21.47
N GLU D 42 5.81 11.95 -22.72
CA GLU D 42 4.80 11.92 -23.77
C GLU D 42 3.85 10.77 -23.52
N THR D 43 2.56 11.07 -23.41
CA THR D 43 1.59 10.00 -23.27
C THR D 43 1.55 9.15 -24.52
N GLY D 44 1.80 7.86 -24.34
CA GLY D 44 1.97 6.95 -25.45
C GLY D 44 3.39 6.43 -25.46
N GLY D 45 4.02 6.40 -24.28
CA GLY D 45 5.31 5.75 -24.10
C GLY D 45 6.47 6.39 -24.85
N GLY D 46 6.18 7.15 -25.91
CA GLY D 46 7.24 7.63 -26.80
C GLY D 46 8.13 8.64 -26.09
N GLY D 47 9.44 8.42 -26.15
CA GLY D 47 10.38 9.24 -25.42
C GLY D 47 10.25 8.99 -23.93
N GLY D 48 11.30 8.40 -23.35
CA GLY D 48 11.30 8.01 -21.95
C GLY D 48 10.85 9.07 -20.97
N SER D 49 10.25 8.64 -19.88
CA SER D 49 9.78 9.54 -18.84
C SER D 49 10.98 10.24 -18.16
N GLN D 50 10.74 11.47 -17.69
CA GLN D 50 11.71 12.23 -16.89
C GLN D 50 11.03 12.71 -15.61
N GLU D 51 11.83 13.11 -14.61
CA GLU D 51 11.26 13.39 -13.30
C GLU D 51 12.13 14.38 -12.56
N PHE D 52 11.56 14.93 -11.48
CA PHE D 52 12.27 15.89 -10.64
C PHE D 52 11.53 15.92 -9.31
N GLU D 53 12.20 16.42 -8.26
CA GLU D 53 11.71 16.23 -6.90
C GLU D 53 11.40 17.56 -6.21
N VAL D 54 10.35 17.59 -5.40
CA VAL D 54 9.87 18.85 -4.84
C VAL D 54 9.64 18.68 -3.35
N PRO D 55 10.09 19.60 -2.49
CA PRO D 55 9.97 19.42 -1.05
C PRO D 55 8.52 19.27 -0.61
N GLY D 56 8.33 18.48 0.44
CA GLY D 56 6.98 18.16 0.88
C GLY D 56 6.18 19.37 1.29
N SER D 57 6.85 20.46 1.63
CA SER D 57 6.15 21.67 2.03
C SER D 57 5.57 22.43 0.85
N LYS D 58 5.94 22.12 -0.38
CA LYS D 58 5.49 22.89 -1.53
C LYS D 58 4.39 22.12 -2.25
N SER D 59 3.42 22.86 -2.82
CA SER D 59 2.33 22.26 -3.58
C SER D 59 2.26 22.86 -4.98
N THR D 60 3.42 23.17 -5.56
CA THR D 60 3.54 23.87 -6.84
C THR D 60 4.83 23.50 -7.53
N ALA D 61 4.74 23.18 -8.81
CA ALA D 61 5.95 22.93 -9.57
C ALA D 61 5.79 23.53 -10.96
N THR D 62 6.92 23.66 -11.64
CA THR D 62 6.90 24.13 -12.99
C THR D 62 7.80 23.22 -13.83
N ILE D 63 7.24 22.75 -14.95
CA ILE D 63 7.84 21.76 -15.82
C ILE D 63 8.39 22.45 -17.06
N SER D 64 9.62 22.11 -17.46
CA SER D 64 10.30 22.87 -18.50
C SER D 64 10.78 21.98 -19.62
N GLY D 65 11.09 22.61 -20.75
CA GLY D 65 11.71 21.89 -21.83
C GLY D 65 10.78 20.92 -22.53
N LEU D 66 9.51 21.23 -22.57
CA LEU D 66 8.55 20.41 -23.27
C LEU D 66 8.49 20.83 -24.72
N LYS D 67 8.04 19.92 -25.55
CA LYS D 67 7.76 20.18 -26.94
C LYS D 67 6.35 20.75 -27.11
N PRO D 68 6.15 21.76 -27.95
CA PRO D 68 4.81 22.34 -28.10
C PRO D 68 3.90 21.40 -28.88
N GLY D 69 2.61 21.49 -28.59
CA GLY D 69 1.61 20.71 -29.30
C GLY D 69 1.69 19.20 -29.11
N VAL D 70 2.13 18.75 -27.95
CA VAL D 70 2.32 17.34 -27.64
C VAL D 70 1.42 16.98 -26.46
N ASP D 71 0.91 15.75 -26.49
CA ASP D 71 0.17 15.19 -25.36
C ASP D 71 1.17 14.66 -24.35
N TYR D 72 1.21 15.30 -23.18
CA TYR D 72 2.05 14.87 -22.08
C TYR D 72 1.15 14.32 -20.99
N THR D 73 1.71 13.43 -20.18
CA THR D 73 1.01 12.85 -19.04
C THR D 73 1.87 13.07 -17.80
N ILE D 74 1.40 13.94 -16.90
CA ILE D 74 2.08 14.29 -15.66
C ILE D 74 1.56 13.38 -14.58
N THR D 75 2.46 12.90 -13.73
CA THR D 75 2.07 12.09 -12.58
C THR D 75 2.93 12.47 -11.38
N VAL D 76 2.28 12.55 -10.21
CA VAL D 76 2.87 13.11 -9.00
C VAL D 76 2.81 12.05 -7.91
N TYR D 77 3.95 11.72 -7.31
CA TYR D 77 3.92 10.78 -6.21
C TYR D 77 4.27 11.51 -4.90
N ALA D 78 3.45 11.29 -3.88
CA ALA D 78 3.67 11.85 -2.55
C ALA D 78 4.34 10.80 -1.69
N TYR D 79 5.64 10.96 -1.45
CA TYR D 79 6.39 10.05 -0.59
C TYR D 79 6.38 10.45 0.87
N GLU D 80 6.23 9.44 1.74
CA GLU D 80 6.41 9.58 3.18
C GLU D 80 7.71 8.92 3.59
N PHE D 81 8.19 9.29 4.78
CA PHE D 81 9.31 8.57 5.41
C PHE D 81 8.86 8.33 6.85
N TYR D 82 8.12 7.23 7.07
CA TYR D 82 7.69 6.86 8.39
C TYR D 82 8.58 5.71 8.83
N SER D 83 8.28 5.08 9.96
CA SER D 83 9.27 4.32 10.70
C SER D 83 10.24 3.55 9.82
N GLY D 84 11.24 4.28 9.31
CA GLY D 84 12.39 3.75 8.58
C GLY D 84 12.26 3.60 7.07
N GLU D 85 11.08 3.87 6.51
CA GLU D 85 10.75 3.43 5.15
C GLU D 85 10.20 4.53 4.28
N TYR D 86 10.65 4.57 3.03
CA TYR D 86 10.08 5.40 1.98
C TYR D 86 8.94 4.64 1.31
N SER D 87 7.75 5.23 1.28
CA SER D 87 6.58 4.63 0.65
C SER D 87 5.69 5.75 0.14
N HIS D 88 5.15 5.60 -1.07
CA HIS D 88 4.35 6.68 -1.63
C HIS D 88 2.87 6.36 -1.56
N PHE D 89 2.06 7.41 -1.46
CA PHE D 89 0.64 7.15 -1.41
C PHE D 89 0.19 6.84 -2.82
N SER D 90 -1.08 6.57 -2.99
CA SER D 90 -1.62 6.36 -4.32
C SER D 90 -1.39 7.61 -5.16
N PRO D 91 -0.69 7.54 -6.27
CA PRO D 91 -0.35 8.73 -7.05
C PRO D 91 -1.56 9.23 -7.83
N ILE D 92 -1.36 10.36 -8.51
CA ILE D 92 -2.40 11.03 -9.28
C ILE D 92 -1.81 11.48 -10.61
N SER D 93 -2.55 11.27 -11.70
CA SER D 93 -2.11 11.66 -13.03
C SER D 93 -3.13 12.58 -13.69
N ILE D 94 -2.64 13.34 -14.66
CA ILE D 94 -3.47 14.14 -15.54
C ILE D 94 -2.80 14.13 -16.91
N ASN D 95 -3.61 14.31 -17.95
CA ASN D 95 -3.12 14.50 -19.32
C ASN D 95 -3.27 15.97 -19.69
N TYR D 96 -2.29 16.51 -20.40
CA TYR D 96 -2.42 17.90 -20.82
C TYR D 96 -1.77 18.05 -22.18
N ARG D 97 -2.46 18.75 -23.08
CA ARG D 97 -1.94 19.00 -24.41
C ARG D 97 -1.30 20.37 -24.42
N THR D 98 0.02 20.38 -24.43
CA THR D 98 0.82 21.59 -24.44
C THR D 98 0.59 22.41 -25.71
#